data_5SUN
#
_entry.id   5SUN
#
_cell.length_a   82.563
_cell.length_b   82.563
_cell.length_c   302.550
_cell.angle_alpha   90.000
_cell.angle_beta   90.000
_cell.angle_gamma   90.000
#
_symmetry.space_group_name_H-M   'P 43 21 2'
#
loop_
_entity.id
_entity.type
_entity.pdbx_description
1 polymer 'Isocitrate dehydrogenase [NADP] cytoplasmic'
2 non-polymer 'NADPH DIHYDRO-NICOTINAMIDE-ADENINE-DINUCLEOTIDE PHOSPHATE'
3 non-polymer 3-benzyl-N-[3-(dimethylsulfamoyl)phenyl]-4-oxo-3,4-dihydrophthalazine-1-carboxamide
4 non-polymer 'SULFATE ION'
5 non-polymer 1,2-ETHANEDIOL
6 non-polymer 'DIMETHYL SULFOXIDE'
7 water water
#
_entity_poly.entity_id   1
_entity_poly.type   'polypeptide(L)'
_entity_poly.pdbx_seq_one_letter_code
;GPGMSKKISGGSVVEMQGDEMTRIIWELIKEKLIFPYVELDLHSYDLGIENRDATNDQVTKDAAEAIKKHNVGVKCATIT
PDEKRVEEFKLKQMWKSPNGTIRNILGGTVFREAIICKNIPRLVSGWVKPIIIGHHAYGDQYRATDFVVPGPGKVEITYT
PSDGTQKVTYLVHNFEEGGGVAMGMYNQDKSIEDFAHSSFQMALSKGWPLYLSTKNTILKKYDGRFKDIFQEIYDKQYKS
QFEAQKIWYEHRLIDDMVAQAMKSEGGFIWACKNYDGDVQSDSVAQGYGSLGMMTSVLVCPDGKTVEAEAAHGTVTRHYR
MYQKGQETSTNPIASIFAWTRGLAHRAKLDNNKELAFFANALEEVSIETIEAGFMTKDLAACIKGLPNVQRSDYLNTFEF
MDKLGENLKIKLAQAKL
;
_entity_poly.pdbx_strand_id   A,B
#
# COMPACT_ATOMS: atom_id res chain seq x y z
N LYS A 6 -45.42 -4.21 13.84
CA LYS A 6 -45.24 -2.76 13.94
C LYS A 6 -43.76 -2.38 13.77
N LYS A 7 -43.51 -1.21 13.22
CA LYS A 7 -42.17 -0.83 12.81
C LYS A 7 -41.44 -0.03 13.88
N ILE A 8 -40.12 0.05 13.72
CA ILE A 8 -39.25 0.77 14.65
C ILE A 8 -39.27 2.25 14.31
N SER A 9 -39.30 3.09 15.35
CA SER A 9 -39.16 4.54 15.17
C SER A 9 -37.68 4.86 15.13
N GLY A 10 -37.16 5.09 13.92
CA GLY A 10 -35.74 5.30 13.77
C GLY A 10 -35.27 6.69 14.10
N GLY A 11 -36.12 7.70 13.91
CA GLY A 11 -35.72 9.06 14.22
C GLY A 11 -35.18 9.80 13.03
N SER A 12 -34.31 10.78 13.28
CA SER A 12 -33.87 11.74 12.27
C SER A 12 -32.65 11.22 11.53
N VAL A 13 -32.75 11.10 10.22
CA VAL A 13 -31.68 10.58 9.37
C VAL A 13 -31.64 11.38 8.09
N VAL A 14 -30.45 11.86 7.71
CA VAL A 14 -30.25 12.55 6.45
C VAL A 14 -29.82 11.53 5.40
N GLU A 15 -30.56 11.46 4.31
CA GLU A 15 -30.29 10.52 3.23
C GLU A 15 -29.96 11.28 1.95
N MET A 16 -28.99 10.79 1.19
CA MET A 16 -28.55 11.43 -0.04
C MET A 16 -28.59 10.42 -1.17
N GLN A 17 -29.45 10.65 -2.15
CA GLN A 17 -29.55 9.79 -3.31
C GLN A 17 -28.47 10.13 -4.33
N GLY A 18 -27.99 9.12 -5.05
CA GLY A 18 -26.87 9.27 -5.94
C GLY A 18 -27.16 8.95 -7.40
N ASP A 19 -26.22 8.27 -8.07
CA ASP A 19 -26.27 8.13 -9.52
C ASP A 19 -26.09 6.69 -9.96
N GLU A 20 -26.57 6.42 -11.17
CA GLU A 20 -26.22 5.24 -12.00
C GLU A 20 -26.55 3.96 -11.24
N MET A 21 -25.63 2.99 -11.17
CA MET A 21 -26.00 1.68 -10.65
C MET A 21 -26.29 1.74 -9.16
N THR A 22 -25.52 2.53 -8.40
CA THR A 22 -25.76 2.61 -6.97
C THR A 22 -27.11 3.27 -6.66
N ARG A 23 -27.59 4.15 -7.54
CA ARG A 23 -28.92 4.74 -7.33
C ARG A 23 -30.01 3.67 -7.42
N ILE A 24 -29.89 2.75 -8.37
CA ILE A 24 -30.85 1.64 -8.47
C ILE A 24 -30.80 0.80 -7.20
N ILE A 25 -29.60 0.39 -6.79
CA ILE A 25 -29.45 -0.46 -5.61
C ILE A 25 -29.96 0.26 -4.38
N TRP A 26 -29.72 1.57 -4.31
CA TRP A 26 -30.13 2.37 -3.15
C TRP A 26 -31.63 2.26 -2.92
N GLU A 27 -32.42 2.41 -3.99
CA GLU A 27 -33.87 2.27 -3.86
C GLU A 27 -34.27 0.87 -3.43
N LEU A 28 -33.60 -0.16 -3.97
CA LEU A 28 -33.89 -1.52 -3.57
C LEU A 28 -33.60 -1.73 -2.09
N ILE A 29 -32.54 -1.10 -1.59
CA ILE A 29 -32.20 -1.21 -0.16
C ILE A 29 -33.30 -0.62 0.69
N LYS A 30 -33.76 0.59 0.33
CA LYS A 30 -34.79 1.25 1.11
C LYS A 30 -36.11 0.49 1.07
N GLU A 31 -36.49 -0.01 -0.11
CA GLU A 31 -37.82 -0.60 -0.23
C GLU A 31 -37.85 -2.05 0.28
N LYS A 32 -36.74 -2.79 0.18
CA LYS A 32 -36.76 -4.20 0.58
C LYS A 32 -36.19 -4.46 1.97
N LEU A 33 -35.31 -3.60 2.49
CA LEU A 33 -34.60 -3.89 3.72
C LEU A 33 -34.80 -2.86 4.83
N ILE A 34 -35.08 -1.60 4.50
CA ILE A 34 -35.19 -0.57 5.53
C ILE A 34 -36.65 -0.24 5.82
N PHE A 35 -37.36 0.28 4.81
CA PHE A 35 -38.72 0.76 5.01
C PHE A 35 -39.68 -0.29 5.56
N PRO A 36 -39.61 -1.58 5.21
CA PRO A 36 -40.55 -2.56 5.80
C PRO A 36 -40.44 -2.68 7.31
N TYR A 37 -39.37 -2.18 7.94
CA TYR A 37 -39.16 -2.38 9.36
C TYR A 37 -38.89 -1.10 10.14
N VAL A 38 -38.50 -0.01 9.50
CA VAL A 38 -38.07 1.20 10.19
C VAL A 38 -38.81 2.40 9.60
N GLU A 39 -39.39 3.20 10.48
CA GLU A 39 -39.95 4.50 10.11
C GLU A 39 -38.97 5.59 10.50
N LEU A 40 -38.72 6.50 9.57
CA LEU A 40 -37.71 7.53 9.77
C LEU A 40 -38.30 8.92 9.57
N ASP A 41 -37.81 9.88 10.35
CA ASP A 41 -37.99 11.29 10.03
C ASP A 41 -36.91 11.60 8.98
N LEU A 42 -37.25 11.37 7.72
CA LEU A 42 -36.26 11.30 6.65
C LEU A 42 -36.03 12.67 6.02
N HIS A 43 -34.80 13.17 6.14
CA HIS A 43 -34.36 14.37 5.44
C HIS A 43 -33.64 13.93 4.17
N SER A 44 -34.38 13.86 3.06
CA SER A 44 -33.87 13.30 1.81
C SER A 44 -33.42 14.41 0.87
N TYR A 45 -32.22 14.25 0.33
CA TYR A 45 -31.65 15.19 -0.64
C TYR A 45 -31.18 14.40 -1.85
N ASP A 46 -31.61 14.84 -3.04
CA ASP A 46 -31.29 14.16 -4.29
C ASP A 46 -30.00 14.75 -4.82
N LEU A 47 -28.89 14.02 -4.67
CA LEU A 47 -27.61 14.44 -5.18
C LEU A 47 -27.26 13.77 -6.51
N GLY A 48 -28.26 13.22 -7.21
CA GLY A 48 -28.07 12.78 -8.57
C GLY A 48 -27.52 13.92 -9.42
N ILE A 49 -26.77 13.62 -10.46
CA ILE A 49 -26.02 14.66 -11.17
C ILE A 49 -26.97 15.66 -11.81
N GLU A 50 -28.12 15.19 -12.32
CA GLU A 50 -29.06 16.09 -12.98
C GLU A 50 -29.61 17.13 -12.02
N ASN A 51 -29.93 16.71 -10.78
CA ASN A 51 -30.53 17.64 -9.83
C ASN A 51 -29.50 18.59 -9.22
N ARG A 52 -28.25 18.15 -9.07
CA ARG A 52 -27.19 19.06 -8.65
C ARG A 52 -26.99 20.16 -9.69
N ASP A 53 -27.05 19.80 -10.97
CA ASP A 53 -26.90 20.80 -12.03
C ASP A 53 -28.05 21.78 -12.02
N ALA A 54 -29.28 21.29 -11.87
CA ALA A 54 -30.45 22.17 -11.91
C ALA A 54 -30.51 23.10 -10.71
N THR A 55 -30.01 22.66 -9.56
CA THR A 55 -29.98 23.52 -8.37
C THR A 55 -28.66 24.25 -8.21
N ASN A 56 -27.80 24.24 -9.23
CA ASN A 56 -26.48 24.85 -9.17
C ASN A 56 -25.71 24.36 -7.94
N ASP A 57 -25.78 23.05 -7.70
CA ASP A 57 -25.13 22.35 -6.60
C ASP A 57 -25.61 22.82 -5.23
N GLN A 58 -26.72 23.58 -5.16
CA GLN A 58 -27.22 24.03 -3.87
C GLN A 58 -27.69 22.87 -3.01
N VAL A 59 -28.19 21.80 -3.64
CA VAL A 59 -28.68 20.65 -2.88
C VAL A 59 -27.55 19.98 -2.11
N THR A 60 -26.33 20.00 -2.66
CA THR A 60 -25.20 19.38 -1.98
C THR A 60 -24.83 20.13 -0.70
N LYS A 61 -24.84 21.47 -0.76
CA LYS A 61 -24.56 22.25 0.45
C LYS A 61 -25.66 22.08 1.48
N ASP A 62 -26.92 22.03 1.04
CA ASP A 62 -28.03 21.85 1.98
C ASP A 62 -27.92 20.50 2.69
N ALA A 63 -27.61 19.43 1.94
CA ALA A 63 -27.48 18.11 2.55
C ALA A 63 -26.37 18.09 3.59
N ALA A 64 -25.24 18.75 3.31
CA ALA A 64 -24.17 18.81 4.29
C ALA A 64 -24.61 19.57 5.53
N GLU A 65 -25.29 20.71 5.33
CA GLU A 65 -25.83 21.47 6.46
C GLU A 65 -26.81 20.63 7.27
N ALA A 66 -27.61 19.80 6.60
CA ALA A 66 -28.55 18.96 7.32
C ALA A 66 -27.84 17.87 8.12
N ILE A 67 -26.70 17.37 7.63
CA ILE A 67 -25.91 16.42 8.41
C ILE A 67 -25.35 17.09 9.65
N LYS A 68 -24.86 18.32 9.50
CA LYS A 68 -24.35 19.07 10.64
C LYS A 68 -25.43 19.23 11.71
N LYS A 69 -26.67 19.44 11.29
CA LYS A 69 -27.76 19.68 12.23
C LYS A 69 -28.29 18.39 12.84
N HIS A 70 -28.42 17.33 12.05
CA HIS A 70 -29.08 16.10 12.50
C HIS A 70 -28.11 14.96 12.80
N ASN A 71 -26.81 15.14 12.55
CA ASN A 71 -25.75 14.27 13.05
C ASN A 71 -25.57 12.95 12.31
N VAL A 72 -26.57 12.50 11.55
CA VAL A 72 -26.50 11.19 10.90
C VAL A 72 -26.83 11.35 9.43
N GLY A 73 -25.89 11.01 8.57
CA GLY A 73 -26.11 11.01 7.14
C GLY A 73 -25.70 9.68 6.52
N VAL A 74 -26.49 9.24 5.54
CA VAL A 74 -26.16 8.06 4.73
C VAL A 74 -26.24 8.47 3.27
N LYS A 75 -25.15 8.24 2.53
CA LYS A 75 -24.99 8.80 1.20
C LYS A 75 -24.76 7.70 0.16
N CYS A 76 -25.48 7.80 -0.95
CA CYS A 76 -25.25 6.96 -2.12
C CYS A 76 -24.12 7.54 -2.97
N ALA A 77 -23.45 6.67 -3.72
CA ALA A 77 -22.34 7.11 -4.56
C ALA A 77 -22.81 8.11 -5.61
N THR A 78 -21.98 9.11 -5.88
CA THR A 78 -22.33 10.20 -6.78
C THR A 78 -21.28 10.35 -7.88
N ILE A 79 -21.72 10.89 -9.02
CA ILE A 79 -20.81 11.18 -10.12
C ILE A 79 -20.03 12.44 -9.81
N THR A 80 -18.70 12.35 -9.86
CA THR A 80 -17.87 13.54 -9.86
C THR A 80 -17.61 13.96 -11.29
N PRO A 81 -18.03 15.15 -11.71
CA PRO A 81 -17.97 15.50 -13.13
C PRO A 81 -16.55 15.68 -13.64
N ASP A 82 -16.36 15.35 -14.91
CA ASP A 82 -15.17 15.70 -15.67
C ASP A 82 -15.61 16.18 -17.04
N GLU A 83 -14.66 16.26 -17.97
CA GLU A 83 -14.96 16.75 -19.31
C GLU A 83 -16.01 15.88 -19.99
N LYS A 84 -15.85 14.56 -19.90
CA LYS A 84 -16.83 13.65 -20.51
C LYS A 84 -18.19 13.77 -19.84
N ARG A 85 -18.22 13.91 -18.51
CA ARG A 85 -19.48 14.03 -17.80
C ARG A 85 -20.19 15.33 -18.15
N VAL A 86 -19.43 16.44 -18.21
CA VAL A 86 -19.99 17.70 -18.68
C VAL A 86 -20.59 17.54 -20.07
N GLU A 87 -19.97 16.71 -20.90
CA GLU A 87 -20.49 16.48 -22.25
C GLU A 87 -21.69 15.54 -22.22
N GLU A 88 -21.65 14.49 -21.39
CA GLU A 88 -22.73 13.51 -21.35
C GLU A 88 -24.02 14.14 -20.86
N PHE A 89 -23.95 15.06 -19.89
CA PHE A 89 -25.12 15.62 -19.25
C PHE A 89 -25.35 17.10 -19.58
N LYS A 90 -24.52 17.70 -20.43
CA LYS A 90 -24.62 19.12 -20.76
C LYS A 90 -24.60 19.98 -19.49
N LEU A 91 -23.63 19.70 -18.64
CA LEU A 91 -23.55 20.39 -17.35
C LEU A 91 -23.25 21.87 -17.55
N LYS A 92 -23.76 22.69 -16.63
CA LYS A 92 -23.43 24.10 -16.63
C LYS A 92 -21.97 24.31 -16.25
N GLN A 93 -21.46 23.50 -15.32
CA GLN A 93 -20.09 23.62 -14.86
C GLN A 93 -19.55 22.23 -14.56
N MET A 94 -18.23 22.15 -14.34
CA MET A 94 -17.62 20.95 -13.78
C MET A 94 -17.75 21.06 -12.27
N TRP A 95 -18.90 20.64 -11.77
CA TRP A 95 -19.21 20.79 -10.34
C TRP A 95 -18.21 20.01 -9.50
N LYS A 96 -17.87 20.57 -8.34
CA LYS A 96 -16.98 19.90 -7.41
C LYS A 96 -17.61 18.63 -6.87
N SER A 97 -16.78 17.62 -6.63
CA SER A 97 -17.23 16.37 -6.06
C SER A 97 -18.08 16.61 -4.82
N PRO A 98 -19.27 16.01 -4.72
CA PRO A 98 -20.11 16.24 -3.54
C PRO A 98 -19.43 15.86 -2.24
N ASN A 99 -18.61 14.81 -2.25
CA ASN A 99 -17.92 14.41 -1.03
C ASN A 99 -16.90 15.46 -0.60
N GLY A 100 -16.21 16.08 -1.56
CA GLY A 100 -15.35 17.20 -1.23
C GLY A 100 -16.10 18.34 -0.59
N THR A 101 -17.26 18.68 -1.15
CA THR A 101 -18.11 19.72 -0.58
C THR A 101 -18.57 19.34 0.82
N ILE A 102 -18.94 18.07 1.02
CA ILE A 102 -19.46 17.63 2.31
C ILE A 102 -18.36 17.59 3.37
N ARG A 103 -17.15 17.16 2.99
CA ARG A 103 -16.05 17.10 3.95
C ARG A 103 -15.62 18.48 4.41
N ASN A 104 -15.59 19.46 3.49
CA ASN A 104 -15.19 20.80 3.88
C ASN A 104 -16.18 21.41 4.86
N ILE A 105 -17.47 21.10 4.71
CA ILE A 105 -18.47 21.70 5.60
C ILE A 105 -18.45 21.03 6.97
N LEU A 106 -18.34 19.70 7.01
CA LEU A 106 -18.41 19.00 8.30
C LEU A 106 -17.05 18.79 8.94
N GLY A 107 -16.02 18.55 8.14
CA GLY A 107 -14.73 18.12 8.68
C GLY A 107 -14.80 16.69 9.19
N GLY A 108 -13.73 16.28 9.83
CA GLY A 108 -13.64 14.95 10.41
C GLY A 108 -12.66 14.07 9.66
N THR A 109 -12.75 12.78 9.97
CA THR A 109 -11.80 11.79 9.47
C THR A 109 -12.55 10.65 8.81
N VAL A 110 -12.08 10.23 7.64
CA VAL A 110 -12.69 9.12 6.91
C VAL A 110 -12.06 7.82 7.37
N PHE A 111 -12.90 6.89 7.82
CA PHE A 111 -12.48 5.56 8.25
C PHE A 111 -13.07 4.53 7.29
N ARG A 112 -12.24 3.60 6.83
CA ARG A 112 -12.66 2.57 5.89
C ARG A 112 -12.39 1.20 6.45
N GLU A 113 -13.29 0.27 6.14
CA GLU A 113 -13.30 -1.05 6.75
C GLU A 113 -13.78 -2.05 5.71
N ALA A 114 -12.99 -3.09 5.47
CA ALA A 114 -13.38 -4.15 4.55
C ALA A 114 -14.18 -5.19 5.32
N ILE A 115 -15.40 -5.48 4.84
CA ILE A 115 -16.23 -6.50 5.49
C ILE A 115 -15.69 -7.87 5.12
N ILE A 116 -15.48 -8.72 6.13
CA ILE A 116 -14.83 -10.01 5.97
C ILE A 116 -15.89 -11.10 6.03
N CYS A 117 -15.91 -11.95 5.01
CA CYS A 117 -16.72 -13.16 5.01
C CYS A 117 -15.80 -14.37 5.04
N LYS A 118 -16.15 -15.36 5.88
CA LYS A 118 -15.24 -16.47 6.15
C LYS A 118 -14.93 -17.28 4.90
N ASN A 119 -15.82 -17.29 3.91
CA ASN A 119 -15.63 -18.06 2.69
C ASN A 119 -15.08 -17.22 1.53
N ILE A 120 -14.69 -15.97 1.79
CA ILE A 120 -14.14 -15.08 0.78
C ILE A 120 -12.69 -14.79 1.17
N PRO A 121 -11.71 -15.03 0.30
CA PRO A 121 -10.30 -14.91 0.69
C PRO A 121 -9.84 -13.46 0.84
N ARG A 122 -8.95 -13.23 1.80
CA ARG A 122 -8.32 -11.92 1.98
C ARG A 122 -6.90 -11.96 1.43
N LEU A 123 -6.13 -10.93 1.79
CA LEU A 123 -4.72 -10.89 1.46
C LEU A 123 -3.94 -11.92 2.27
N VAL A 124 -4.22 -12.01 3.57
CA VAL A 124 -3.64 -13.02 4.43
C VAL A 124 -4.78 -13.75 5.13
N SER A 125 -4.65 -15.07 5.24
CA SER A 125 -5.68 -15.85 5.91
C SER A 125 -5.74 -15.58 7.41
N GLY A 126 -4.65 -15.09 8.00
CA GLY A 126 -4.62 -14.77 9.42
C GLY A 126 -5.57 -13.65 9.81
N TRP A 127 -6.02 -12.84 8.86
CA TRP A 127 -6.98 -11.77 9.15
C TRP A 127 -8.36 -12.39 9.33
N VAL A 128 -8.79 -12.51 10.58
CA VAL A 128 -10.13 -13.00 10.90
C VAL A 128 -11.07 -11.86 11.28
N LYS A 129 -10.56 -10.84 12.03
CA LYS A 129 -11.35 -9.64 12.26
C LYS A 129 -10.96 -8.56 11.27
N PRO A 130 -11.89 -7.72 10.85
CA PRO A 130 -11.53 -6.59 9.98
C PRO A 130 -10.80 -5.53 10.79
N ILE A 131 -10.17 -4.61 10.07
CA ILE A 131 -9.59 -3.43 10.70
C ILE A 131 -10.18 -2.19 10.04
N ILE A 132 -9.95 -1.05 10.69
CA ILE A 132 -10.50 0.22 10.31
C ILE A 132 -9.33 1.19 10.18
N ILE A 133 -9.08 1.67 8.96
CA ILE A 133 -7.99 2.58 8.67
C ILE A 133 -8.55 3.97 8.44
N GLY A 134 -8.03 4.95 9.16
CA GLY A 134 -8.46 6.33 9.02
C GLY A 134 -7.31 7.22 8.58
N HIS A 135 -7.61 8.16 7.69
CA HIS A 135 -6.64 9.16 7.28
C HIS A 135 -7.13 10.55 7.68
N ALA A 144 -1.29 20.83 -0.80
CA ALA A 144 0.06 20.70 -1.35
C ALA A 144 0.24 21.65 -2.54
N THR A 145 1.37 22.35 -2.55
CA THR A 145 1.67 23.36 -3.57
C THR A 145 2.93 22.92 -4.32
N ASP A 146 2.75 22.32 -5.49
CA ASP A 146 3.87 21.84 -6.28
C ASP A 146 4.05 22.68 -7.53
N PHE A 147 5.30 22.78 -7.98
CA PHE A 147 5.63 23.54 -9.17
C PHE A 147 6.91 22.99 -9.77
N VAL A 148 7.17 23.37 -11.00
CA VAL A 148 8.35 22.92 -11.74
C VAL A 148 9.49 23.92 -11.53
N VAL A 149 10.68 23.40 -11.28
CA VAL A 149 11.89 24.21 -11.22
C VAL A 149 12.54 24.17 -12.60
N PRO A 150 12.49 25.27 -13.38
CA PRO A 150 12.98 25.18 -14.76
C PRO A 150 14.49 25.05 -14.85
N GLY A 151 15.24 25.73 -13.99
CA GLY A 151 16.67 25.70 -14.04
C GLY A 151 17.31 26.10 -12.73
N PRO A 152 18.61 26.39 -12.77
CA PRO A 152 19.33 26.73 -11.53
C PRO A 152 18.72 27.91 -10.80
N GLY A 153 18.76 27.84 -9.47
CA GLY A 153 18.16 28.84 -8.62
C GLY A 153 17.90 28.26 -7.24
N LYS A 154 17.40 29.12 -6.36
CA LYS A 154 17.10 28.73 -4.99
C LYS A 154 15.60 28.48 -4.83
N VAL A 155 15.27 27.43 -4.08
CA VAL A 155 13.91 27.19 -3.60
C VAL A 155 13.93 27.30 -2.09
N GLU A 156 13.16 28.24 -1.55
CA GLU A 156 13.10 28.47 -0.13
C GLU A 156 11.66 28.41 0.35
N ILE A 157 11.48 28.02 1.60
CA ILE A 157 10.18 28.04 2.25
C ILE A 157 10.29 28.95 3.46
N THR A 158 9.37 29.90 3.58
CA THR A 158 9.44 30.93 4.61
C THR A 158 8.18 30.92 5.47
N TYR A 159 8.34 31.36 6.71
CA TYR A 159 7.24 31.56 7.63
C TYR A 159 7.27 33.01 8.09
N THR A 160 6.21 33.76 7.78
CA THR A 160 6.11 35.15 8.18
C THR A 160 5.11 35.27 9.32
N PRO A 161 5.55 35.50 10.55
CA PRO A 161 4.61 35.58 11.68
C PRO A 161 3.63 36.72 11.47
N SER A 162 2.36 36.45 11.82
CA SER A 162 1.31 37.45 11.68
C SER A 162 1.45 38.59 12.69
N ASP A 163 2.30 38.45 13.70
CA ASP A 163 2.48 39.50 14.70
C ASP A 163 3.67 40.41 14.40
N GLY A 164 4.25 40.32 13.20
CA GLY A 164 5.29 41.21 12.79
C GLY A 164 6.70 40.84 13.21
N THR A 165 6.85 39.82 14.06
CA THR A 165 8.19 39.38 14.42
C THR A 165 8.93 38.81 13.22
N GLN A 166 10.21 38.48 13.42
CA GLN A 166 11.12 38.26 12.31
C GLN A 166 10.74 37.05 11.46
N LYS A 167 10.81 37.24 10.14
CA LYS A 167 10.56 36.15 9.21
C LYS A 167 11.64 35.08 9.32
N VAL A 168 11.26 33.83 9.08
CA VAL A 168 12.18 32.69 9.15
C VAL A 168 12.22 32.02 7.79
N THR A 169 13.42 31.79 7.28
CA THR A 169 13.64 31.24 5.94
C THR A 169 14.40 29.92 6.03
N TYR A 170 13.89 28.91 5.34
CA TYR A 170 14.54 27.60 5.24
C TYR A 170 14.91 27.34 3.79
N LEU A 171 16.15 26.91 3.56
CA LEU A 171 16.56 26.49 2.22
C LEU A 171 15.98 25.11 1.95
N VAL A 172 15.14 25.00 0.92
CA VAL A 172 14.65 23.68 0.52
C VAL A 172 15.70 22.96 -0.30
N HIS A 173 16.28 23.64 -1.29
CA HIS A 173 17.36 23.12 -2.10
C HIS A 173 17.89 24.23 -2.99
N ASN A 174 19.19 24.20 -3.25
CA ASN A 174 19.80 25.13 -4.20
C ASN A 174 20.15 24.36 -5.47
N PHE A 175 19.34 24.53 -6.50
CA PHE A 175 19.62 23.93 -7.80
C PHE A 175 20.76 24.69 -8.46
N GLU A 176 21.92 24.04 -8.55
CA GLU A 176 23.08 24.67 -9.16
C GLU A 176 23.31 24.24 -10.60
N GLU A 177 22.80 23.07 -10.99
CA GLU A 177 22.89 22.57 -12.37
C GLU A 177 21.58 21.91 -12.72
N GLY A 178 20.87 22.45 -13.70
CA GLY A 178 19.61 21.88 -14.11
C GLY A 178 18.50 22.16 -13.12
N GLY A 179 17.29 21.74 -13.50
CA GLY A 179 16.13 22.00 -12.68
C GLY A 179 15.51 20.75 -12.08
N GLY A 180 14.20 20.76 -11.91
CA GLY A 180 13.50 19.67 -11.29
C GLY A 180 12.13 20.08 -10.80
N VAL A 181 11.76 19.64 -9.60
CA VAL A 181 10.46 19.95 -9.02
C VAL A 181 10.65 20.33 -7.56
N ALA A 182 9.62 20.96 -7.00
CA ALA A 182 9.61 21.35 -5.61
C ALA A 182 8.16 21.43 -5.16
N MET A 183 7.93 21.27 -3.86
CA MET A 183 6.58 21.40 -3.34
C MET A 183 6.63 21.72 -1.87
N GLY A 184 5.56 22.33 -1.39
CA GLY A 184 5.39 22.64 0.02
C GLY A 184 4.07 22.05 0.51
N MET A 185 4.09 21.53 1.74
CA MET A 185 2.91 20.97 2.36
C MET A 185 2.81 21.48 3.78
N TYR A 186 1.63 21.34 4.37
CA TYR A 186 1.38 21.89 5.69
C TYR A 186 0.34 21.03 6.41
N ASN A 187 0.22 21.26 7.71
CA ASN A 187 -0.88 20.70 8.49
C ASN A 187 -1.13 21.59 9.69
N GLN A 188 -2.39 21.97 9.88
CA GLN A 188 -2.79 22.77 11.03
C GLN A 188 -2.84 21.90 12.28
N ASP A 189 -2.50 22.50 13.43
CA ASP A 189 -2.68 21.81 14.70
C ASP A 189 -4.12 21.37 14.90
N LYS A 190 -5.08 22.24 14.58
CA LYS A 190 -6.49 21.92 14.76
C LYS A 190 -6.89 20.65 14.02
N SER A 191 -6.38 20.46 12.80
CA SER A 191 -6.76 19.26 12.04
C SER A 191 -6.09 18.02 12.60
N ILE A 192 -4.90 18.15 13.20
CA ILE A 192 -4.28 17.01 13.86
C ILE A 192 -5.06 16.63 15.11
N GLU A 193 -5.52 17.64 15.87
CA GLU A 193 -6.33 17.38 17.05
C GLU A 193 -7.62 16.66 16.68
N ASP A 194 -8.34 17.18 15.68
CA ASP A 194 -9.55 16.50 15.20
C ASP A 194 -9.25 15.08 14.77
N PHE A 195 -8.16 14.89 14.03
CA PHE A 195 -7.73 13.56 13.62
C PHE A 195 -7.57 12.63 14.82
N ALA A 196 -6.95 13.14 15.89
CA ALA A 196 -6.77 12.34 17.10
C ALA A 196 -8.12 12.07 17.76
N HIS A 197 -8.95 13.10 17.90
CA HIS A 197 -10.24 12.93 18.58
C HIS A 197 -11.12 11.92 17.84
N SER A 198 -11.20 12.02 16.52
CA SER A 198 -11.97 11.05 15.76
C SER A 198 -11.43 9.64 15.92
N SER A 199 -10.09 9.50 16.02
CA SER A 199 -9.49 8.19 16.12
C SER A 199 -9.74 7.57 17.49
N PHE A 200 -9.65 8.36 18.55
CA PHE A 200 -9.92 7.84 19.90
C PHE A 200 -11.38 7.45 20.05
N GLN A 201 -12.29 8.31 19.59
CA GLN A 201 -13.71 8.01 19.67
C GLN A 201 -14.09 6.80 18.82
N MET A 202 -13.46 6.65 17.65
CA MET A 202 -13.74 5.49 16.82
C MET A 202 -13.26 4.21 17.48
N ALA A 203 -12.09 4.24 18.12
CA ALA A 203 -11.57 3.06 18.79
C ALA A 203 -12.45 2.67 19.98
N LEU A 204 -12.97 3.66 20.70
CA LEU A 204 -13.88 3.38 21.81
C LEU A 204 -15.20 2.81 21.31
N SER A 205 -15.74 3.39 20.24
CA SER A 205 -17.02 2.94 19.69
C SER A 205 -16.96 1.52 19.15
N LYS A 206 -15.77 0.96 18.98
CA LYS A 206 -15.60 -0.43 18.58
C LYS A 206 -14.93 -1.29 19.63
N GLY A 207 -14.45 -0.70 20.73
CA GLY A 207 -13.74 -1.47 21.74
C GLY A 207 -12.45 -2.08 21.23
N TRP A 208 -11.74 -1.39 20.34
CA TRP A 208 -10.53 -1.89 19.73
C TRP A 208 -9.36 -0.99 20.05
N PRO A 209 -8.14 -1.52 20.08
CA PRO A 209 -6.96 -0.67 20.30
C PRO A 209 -6.71 0.25 19.11
N LEU A 210 -5.98 1.33 19.38
CA LEU A 210 -5.68 2.32 18.36
C LEU A 210 -4.17 2.45 18.18
N TYR A 211 -3.75 2.49 16.91
CA TYR A 211 -2.35 2.67 16.54
C TYR A 211 -2.24 3.87 15.60
N LEU A 212 -1.24 4.72 15.86
CA LEU A 212 -0.88 5.79 14.94
C LEU A 212 0.51 5.52 14.38
N SER A 213 0.61 5.50 13.05
CA SER A 213 1.88 5.26 12.38
C SER A 213 2.38 6.56 11.75
N THR A 214 3.66 6.88 11.98
CA THR A 214 4.31 8.02 11.34
C THR A 214 5.70 7.60 10.88
N LYS A 215 6.41 8.56 10.29
CA LYS A 215 7.83 8.42 10.00
C LYS A 215 8.60 9.50 10.74
N ASN A 216 8.28 9.71 12.02
CA ASN A 216 8.87 10.80 12.79
C ASN A 216 10.36 10.63 13.02
N THR A 217 10.97 9.57 12.51
CA THR A 217 12.42 9.45 12.54
C THR A 217 13.07 10.18 11.37
N ILE A 218 12.38 10.27 10.24
CA ILE A 218 12.86 11.06 9.11
C ILE A 218 12.32 12.48 9.17
N LEU A 219 11.01 12.63 9.37
CA LEU A 219 10.38 13.94 9.48
C LEU A 219 10.14 14.21 10.97
N LYS A 220 11.23 14.57 11.66
CA LYS A 220 11.21 14.65 13.11
C LYS A 220 10.29 15.76 13.62
N LYS A 221 10.15 16.85 12.86
CA LYS A 221 9.26 17.93 13.26
C LYS A 221 7.85 17.74 12.71
N TYR A 222 7.73 17.35 11.45
CA TYR A 222 6.42 17.22 10.83
C TYR A 222 5.61 16.07 11.46
N ASP A 223 6.10 14.84 11.32
CA ASP A 223 5.41 13.70 11.90
C ASP A 223 5.51 13.68 13.41
N GLY A 224 6.55 14.31 13.98
CA GLY A 224 6.64 14.39 15.44
C GLY A 224 5.51 15.17 16.07
N ARG A 225 4.94 16.12 15.32
CA ARG A 225 3.79 16.87 15.84
C ARG A 225 2.56 15.98 15.94
N PHE A 226 2.38 15.07 14.97
CA PHE A 226 1.29 14.11 15.04
C PHE A 226 1.43 13.21 16.26
N LYS A 227 2.61 12.60 16.42
CA LYS A 227 2.84 11.70 17.55
C LYS A 227 2.70 12.43 18.88
N ASP A 228 3.17 13.67 18.95
CA ASP A 228 3.06 14.42 20.20
C ASP A 228 1.62 14.75 20.53
N ILE A 229 0.87 15.31 19.57
CA ILE A 229 -0.51 15.72 19.83
C ILE A 229 -1.39 14.52 20.16
N PHE A 230 -1.13 13.37 19.52
CA PHE A 230 -1.90 12.17 19.82
C PHE A 230 -1.70 11.73 21.27
N GLN A 231 -0.45 11.68 21.73
CA GLN A 231 -0.19 11.28 23.11
C GLN A 231 -0.78 12.26 24.10
N GLU A 232 -0.67 13.56 23.83
CA GLU A 232 -1.17 14.58 24.75
C GLU A 232 -2.68 14.44 24.95
N ILE A 233 -3.43 14.25 23.85
CA ILE A 233 -4.88 14.14 23.96
C ILE A 233 -5.27 12.80 24.56
N TYR A 234 -4.50 11.75 24.28
CA TYR A 234 -4.77 10.46 24.90
C TYR A 234 -4.61 10.53 26.41
N ASP A 235 -3.47 11.07 26.88
CA ASP A 235 -3.17 11.06 28.31
C ASP A 235 -4.19 11.89 29.09
N LYS A 236 -4.66 12.99 28.52
CA LYS A 236 -5.54 13.88 29.27
C LYS A 236 -7.00 13.47 29.20
N GLN A 237 -7.49 13.03 28.04
CA GLN A 237 -8.92 12.89 27.83
C GLN A 237 -9.39 11.47 27.59
N TYR A 238 -8.50 10.54 27.27
CA TYR A 238 -8.93 9.23 26.83
C TYR A 238 -8.22 8.06 27.49
N LYS A 239 -7.06 8.25 28.13
CA LYS A 239 -6.37 7.06 28.62
C LYS A 239 -7.20 6.37 29.70
N SER A 240 -8.06 7.11 30.41
CA SER A 240 -8.79 6.52 31.53
C SER A 240 -10.01 5.75 31.04
N GLN A 241 -10.55 6.17 29.88
CA GLN A 241 -11.66 5.43 29.30
C GLN A 241 -11.16 4.23 28.52
N PHE A 242 -9.90 4.28 28.08
CA PHE A 242 -9.36 3.23 27.22
C PHE A 242 -9.11 1.94 27.99
N GLU A 243 -8.32 1.98 29.08
CA GLU A 243 -8.17 0.74 29.85
C GLU A 243 -9.42 0.42 30.64
N ALA A 244 -10.31 1.41 30.84
CA ALA A 244 -11.63 1.08 31.36
C ALA A 244 -12.38 0.14 30.44
N GLN A 245 -11.89 -0.07 29.22
CA GLN A 245 -12.45 -1.02 28.26
C GLN A 245 -11.40 -1.98 27.74
N LYS A 246 -10.35 -2.26 28.51
CA LYS A 246 -9.31 -3.24 28.23
C LYS A 246 -8.45 -2.89 27.02
N ILE A 247 -8.68 -1.75 26.38
CA ILE A 247 -7.94 -1.39 25.16
C ILE A 247 -6.81 -0.43 25.50
N TRP A 248 -6.15 0.10 24.47
CA TRP A 248 -5.00 0.98 24.63
C TRP A 248 -4.84 1.80 23.36
N TYR A 249 -3.90 2.73 23.41
CA TYR A 249 -3.44 3.46 22.22
C TYR A 249 -1.93 3.46 22.22
N GLU A 250 -1.34 3.48 21.03
CA GLU A 250 0.11 3.59 21.00
C GLU A 250 0.63 3.89 19.60
N HIS A 251 1.78 4.57 19.57
CA HIS A 251 2.38 5.03 18.32
C HIS A 251 3.44 4.05 17.83
N ARG A 252 3.47 3.87 16.51
CA ARG A 252 4.43 3.05 15.81
C ARG A 252 5.07 3.82 14.67
N LEU A 253 6.29 3.43 14.32
CA LEU A 253 6.84 3.85 13.04
C LEU A 253 6.25 2.95 11.95
N ILE A 254 5.92 3.56 10.82
CA ILE A 254 5.20 2.87 9.75
C ILE A 254 5.86 1.54 9.40
N ASP A 255 7.18 1.45 9.56
CA ASP A 255 7.88 0.20 9.29
C ASP A 255 7.45 -0.89 10.26
N ASP A 256 7.38 -0.56 11.55
CA ASP A 256 6.97 -1.54 12.56
C ASP A 256 5.51 -1.94 12.38
N MET A 257 4.65 -0.96 12.07
CA MET A 257 3.22 -1.22 12.07
C MET A 257 2.80 -2.08 10.87
N VAL A 258 3.48 -1.94 9.72
CA VAL A 258 3.14 -2.79 8.57
C VAL A 258 3.43 -4.24 8.89
N ALA A 259 4.57 -4.52 9.53
CA ALA A 259 4.89 -5.89 9.91
C ALA A 259 3.91 -6.41 10.96
N GLN A 260 3.60 -5.58 11.96
CA GLN A 260 2.65 -6.00 12.99
C GLN A 260 1.26 -6.28 12.41
N ALA A 261 0.86 -5.53 11.37
CA ALA A 261 -0.47 -5.70 10.81
C ALA A 261 -0.61 -7.00 10.02
N MET A 262 0.47 -7.46 9.39
CA MET A 262 0.39 -8.69 8.61
C MET A 262 0.39 -9.93 9.50
N LYS A 263 1.16 -9.89 10.58
CA LYS A 263 1.14 -10.97 11.57
C LYS A 263 -0.07 -10.91 12.47
N SER A 264 -0.91 -9.89 12.33
CA SER A 264 -2.04 -9.67 13.23
C SER A 264 -3.26 -10.47 12.75
N GLU A 265 -4.20 -10.66 13.68
CA GLU A 265 -5.48 -11.27 13.35
C GLU A 265 -6.54 -10.24 12.97
N GLY A 266 -6.34 -8.98 13.34
CA GLY A 266 -7.27 -7.92 13.04
C GLY A 266 -7.84 -7.29 14.31
N GLY A 267 -8.88 -6.50 14.11
CA GLY A 267 -9.58 -5.88 15.22
C GLY A 267 -8.85 -4.74 15.88
N PHE A 268 -8.29 -3.82 15.08
CA PHE A 268 -7.64 -2.64 15.62
C PHE A 268 -7.88 -1.46 14.69
N ILE A 269 -7.84 -0.27 15.26
CA ILE A 269 -7.96 0.98 14.50
C ILE A 269 -6.57 1.44 14.13
N TRP A 270 -6.41 1.89 12.88
CA TRP A 270 -5.11 2.28 12.34
C TRP A 270 -5.20 3.70 11.81
N ALA A 271 -4.73 4.67 12.60
CA ALA A 271 -4.63 6.05 12.16
C ALA A 271 -3.32 6.19 11.38
N CYS A 272 -3.44 6.28 10.06
CA CYS A 272 -2.29 6.28 9.15
C CYS A 272 -2.08 7.69 8.62
N LYS A 273 -0.87 8.21 8.80
CA LYS A 273 -0.55 9.58 8.40
C LYS A 273 -0.07 9.68 6.96
N ASN A 274 0.82 8.77 6.56
CA ASN A 274 1.57 8.81 5.30
C ASN A 274 2.70 9.83 5.39
N SER A 290 -14.19 -6.97 -4.88
CA SER A 290 -13.75 -6.67 -3.52
C SER A 290 -14.14 -5.26 -3.11
N LEU A 291 -14.30 -4.37 -4.10
CA LEU A 291 -14.77 -3.02 -3.81
C LEU A 291 -16.17 -3.02 -3.20
N GLY A 292 -17.01 -3.99 -3.58
CA GLY A 292 -18.34 -4.11 -3.02
C GLY A 292 -18.38 -4.41 -1.53
N MET A 293 -17.23 -4.67 -0.92
CA MET A 293 -17.16 -5.00 0.51
C MET A 293 -16.39 -3.94 1.29
N MET A 294 -16.26 -2.74 0.74
CA MET A 294 -15.50 -1.65 1.36
C MET A 294 -16.46 -0.57 1.83
N THR A 295 -16.45 -0.30 3.14
CA THR A 295 -17.25 0.77 3.73
C THR A 295 -16.41 1.99 4.02
N SER A 296 -17.08 3.13 4.10
CA SER A 296 -16.46 4.39 4.46
C SER A 296 -17.36 5.11 5.44
N VAL A 297 -16.76 5.76 6.44
CA VAL A 297 -17.54 6.57 7.38
C VAL A 297 -16.74 7.79 7.79
N LEU A 298 -17.32 8.97 7.58
CA LEU A 298 -16.70 10.23 7.97
C LEU A 298 -17.09 10.52 9.42
N VAL A 299 -16.12 10.48 10.32
CA VAL A 299 -16.36 10.66 11.75
C VAL A 299 -15.87 12.05 12.13
N CYS A 300 -16.81 12.91 12.51
CA CYS A 300 -16.45 14.25 12.96
C CYS A 300 -15.85 14.18 14.37
N PRO A 301 -14.98 15.14 14.71
CA PRO A 301 -14.30 15.06 16.02
C PRO A 301 -15.23 15.20 17.22
N ASP A 302 -16.43 15.78 17.05
CA ASP A 302 -17.34 15.93 18.17
C ASP A 302 -17.88 14.60 18.69
N GLY A 303 -17.61 13.49 18.00
CA GLY A 303 -18.16 12.21 18.36
C GLY A 303 -19.64 12.05 18.15
N LYS A 304 -20.31 13.07 17.60
CA LYS A 304 -21.75 13.06 17.41
C LYS A 304 -22.19 12.94 15.95
N THR A 305 -21.52 13.65 15.04
CA THR A 305 -21.89 13.72 13.64
C THR A 305 -21.08 12.71 12.83
N VAL A 306 -21.76 11.85 12.08
CA VAL A 306 -21.09 10.88 11.21
C VAL A 306 -21.82 10.79 9.87
N GLU A 307 -21.07 10.52 8.81
CA GLU A 307 -21.61 10.28 7.47
C GLU A 307 -21.04 8.96 6.95
N ALA A 308 -21.92 8.02 6.59
CA ALA A 308 -21.50 6.72 6.12
C ALA A 308 -21.81 6.57 4.63
N GLU A 309 -20.96 5.82 3.93
CA GLU A 309 -21.19 5.53 2.52
C GLU A 309 -20.31 4.36 2.11
N ALA A 310 -20.60 3.82 0.93
CA ALA A 310 -19.74 2.83 0.33
C ALA A 310 -18.45 3.48 -0.17
N ALA A 311 -17.35 2.74 -0.08
CA ALA A 311 -16.08 3.27 -0.56
C ALA A 311 -15.95 3.22 -2.08
N HIS A 312 -16.84 2.53 -2.79
CA HIS A 312 -16.76 2.44 -4.24
C HIS A 312 -17.59 3.55 -4.88
N GLY A 313 -17.58 3.58 -6.21
CA GLY A 313 -18.30 4.57 -6.98
C GLY A 313 -19.64 4.08 -7.47
N THR A 314 -20.15 4.75 -8.51
CA THR A 314 -21.50 4.49 -9.02
C THR A 314 -21.57 3.28 -9.95
N VAL A 315 -20.46 2.58 -10.17
CA VAL A 315 -20.40 1.37 -11.00
C VAL A 315 -21.02 1.64 -12.37
N THR A 316 -20.44 2.60 -13.09
CA THR A 316 -20.97 3.01 -14.40
C THR A 316 -21.07 1.83 -15.36
N ARG A 317 -20.07 0.95 -15.36
CA ARG A 317 -20.03 -0.13 -16.35
C ARG A 317 -21.24 -1.05 -16.21
N HIS A 318 -21.56 -1.47 -14.98
CA HIS A 318 -22.77 -2.28 -14.79
C HIS A 318 -24.01 -1.49 -15.16
N TYR A 319 -24.00 -0.18 -14.90
CA TYR A 319 -25.17 0.64 -15.21
C TYR A 319 -25.42 0.71 -16.70
N ARG A 320 -24.36 0.74 -17.52
CA ARG A 320 -24.54 0.66 -18.97
C ARG A 320 -25.23 -0.63 -19.37
N MET A 321 -24.80 -1.75 -18.79
CA MET A 321 -25.45 -3.03 -19.08
C MET A 321 -26.91 -3.01 -18.65
N TYR A 322 -27.18 -2.45 -17.47
CA TYR A 322 -28.56 -2.31 -17.00
C TYR A 322 -29.38 -1.44 -17.94
N GLN A 323 -28.76 -0.42 -18.53
CA GLN A 323 -29.48 0.44 -19.47
C GLN A 323 -29.86 -0.32 -20.75
N LYS A 324 -28.98 -1.21 -21.22
CA LYS A 324 -29.24 -2.01 -22.40
C LYS A 324 -30.13 -3.20 -22.14
N GLY A 325 -30.76 -3.28 -20.97
CA GLY A 325 -31.59 -4.43 -20.64
C GLY A 325 -30.84 -5.70 -20.35
N GLN A 326 -29.53 -5.63 -20.12
CA GLN A 326 -28.72 -6.81 -19.86
C GLN A 326 -28.68 -7.12 -18.37
N GLU A 327 -28.30 -8.36 -18.06
CA GLU A 327 -28.27 -8.82 -16.68
C GLU A 327 -27.03 -8.27 -15.96
N THR A 328 -27.23 -7.75 -14.75
CA THR A 328 -26.15 -7.25 -13.93
C THR A 328 -26.04 -8.06 -12.65
N SER A 329 -24.86 -8.04 -12.04
CA SER A 329 -24.62 -8.67 -10.74
C SER A 329 -23.73 -7.71 -9.95
N THR A 330 -24.37 -6.73 -9.31
CA THR A 330 -23.66 -5.70 -8.57
C THR A 330 -23.75 -5.98 -7.08
N ASN A 331 -22.63 -5.82 -6.38
CA ASN A 331 -22.55 -6.15 -4.96
C ASN A 331 -23.14 -5.00 -4.13
N PRO A 332 -24.23 -5.21 -3.40
CA PRO A 332 -24.84 -4.14 -2.61
C PRO A 332 -24.35 -4.03 -1.17
N ILE A 333 -23.41 -4.89 -0.74
CA ILE A 333 -23.09 -5.01 0.68
C ILE A 333 -22.56 -3.69 1.22
N ALA A 334 -21.63 -3.05 0.50
CA ALA A 334 -21.07 -1.80 0.98
C ALA A 334 -22.13 -0.72 1.10
N SER A 335 -23.11 -0.71 0.19
CA SER A 335 -24.19 0.26 0.28
C SER A 335 -25.12 -0.05 1.45
N ILE A 336 -25.35 -1.34 1.72
CA ILE A 336 -26.16 -1.74 2.85
C ILE A 336 -25.50 -1.31 4.16
N PHE A 337 -24.18 -1.50 4.27
CA PHE A 337 -23.47 -1.17 5.49
C PHE A 337 -23.38 0.34 5.71
N ALA A 338 -23.54 1.14 4.66
CA ALA A 338 -23.73 2.58 4.87
C ALA A 338 -24.97 2.84 5.71
N TRP A 339 -26.07 2.19 5.37
CA TRP A 339 -27.30 2.33 6.14
C TRP A 339 -27.13 1.80 7.56
N THR A 340 -26.52 0.62 7.71
CA THR A 340 -26.44 0.01 9.03
C THR A 340 -25.52 0.78 9.95
N ARG A 341 -24.43 1.35 9.42
CA ARG A 341 -23.56 2.18 10.25
C ARG A 341 -24.27 3.46 10.67
N GLY A 342 -25.01 4.09 9.75
CA GLY A 342 -25.75 5.29 10.11
C GLY A 342 -26.81 5.01 11.14
N LEU A 343 -27.63 3.97 10.90
CA LEU A 343 -28.66 3.60 11.85
C LEU A 343 -28.09 3.16 13.19
N ALA A 344 -26.91 2.51 13.18
CA ALA A 344 -26.27 2.14 14.43
C ALA A 344 -25.85 3.38 15.22
N HIS A 345 -25.35 4.40 14.53
CA HIS A 345 -24.98 5.64 15.22
C HIS A 345 -26.20 6.40 15.68
N ARG A 346 -27.25 6.42 14.86
CA ARG A 346 -28.52 7.05 15.27
C ARG A 346 -29.04 6.38 16.54
N ALA A 347 -29.07 5.05 16.56
CA ALA A 347 -29.56 4.33 17.73
C ALA A 347 -28.69 4.60 18.96
N LYS A 348 -27.37 4.73 18.77
CA LYS A 348 -26.50 5.06 19.88
C LYS A 348 -26.81 6.45 20.44
N LEU A 349 -27.06 7.42 19.56
CA LEU A 349 -27.38 8.77 20.03
C LEU A 349 -28.71 8.81 20.76
N ASP A 350 -29.71 8.08 20.26
CA ASP A 350 -31.07 8.13 20.80
C ASP A 350 -31.34 7.04 21.82
N ASN A 351 -30.36 6.20 22.15
CA ASN A 351 -30.53 5.08 23.06
C ASN A 351 -31.65 4.15 22.58
N ASN A 352 -31.74 3.97 21.26
CA ASN A 352 -32.81 3.19 20.64
C ASN A 352 -32.34 1.76 20.50
N LYS A 353 -32.71 0.91 21.47
CA LYS A 353 -32.23 -0.47 21.50
C LYS A 353 -32.81 -1.29 20.36
N GLU A 354 -34.06 -1.03 19.97
CA GLU A 354 -34.67 -1.78 18.88
C GLU A 354 -34.00 -1.45 17.56
N LEU A 355 -33.69 -0.17 17.34
CA LEU A 355 -32.97 0.22 16.14
C LEU A 355 -31.55 -0.33 16.14
N ALA A 356 -30.88 -0.31 17.30
CA ALA A 356 -29.52 -0.85 17.37
C ALA A 356 -29.51 -2.34 17.04
N PHE A 357 -30.48 -3.09 17.55
CA PHE A 357 -30.56 -4.50 17.20
C PHE A 357 -30.82 -4.69 15.71
N PHE A 358 -31.72 -3.87 15.15
CA PHE A 358 -32.03 -3.99 13.72
C PHE A 358 -30.78 -3.77 12.87
N ALA A 359 -29.97 -2.76 13.21
CA ALA A 359 -28.77 -2.49 12.43
C ALA A 359 -27.83 -3.69 12.45
N ASN A 360 -27.66 -4.32 13.62
CA ASN A 360 -26.83 -5.51 13.71
C ASN A 360 -27.41 -6.66 12.91
N ALA A 361 -28.73 -6.88 13.01
CA ALA A 361 -29.35 -7.98 12.29
C ALA A 361 -29.17 -7.84 10.78
N LEU A 362 -29.24 -6.60 10.27
CA LEU A 362 -29.07 -6.39 8.84
C LEU A 362 -27.64 -6.69 8.41
N GLU A 363 -26.66 -6.31 9.22
CA GLU A 363 -25.27 -6.63 8.90
C GLU A 363 -25.04 -8.14 8.95
N GLU A 364 -25.52 -8.80 10.01
CA GLU A 364 -25.26 -10.22 10.16
C GLU A 364 -25.92 -11.03 9.05
N VAL A 365 -27.15 -10.65 8.68
CA VAL A 365 -27.84 -11.38 7.61
C VAL A 365 -27.12 -11.17 6.28
N SER A 366 -26.42 -10.05 6.12
CA SER A 366 -25.66 -9.82 4.89
C SER A 366 -24.45 -10.74 4.83
N ILE A 367 -23.68 -10.80 5.92
CA ILE A 367 -22.51 -11.67 5.95
C ILE A 367 -22.93 -13.14 5.86
N GLU A 368 -24.00 -13.51 6.57
CA GLU A 368 -24.41 -14.91 6.61
C GLU A 368 -24.94 -15.39 5.26
N THR A 369 -25.64 -14.53 4.53
CA THR A 369 -26.13 -14.92 3.21
C THR A 369 -24.99 -15.27 2.28
N ILE A 370 -23.92 -14.46 2.30
CA ILE A 370 -22.75 -14.75 1.48
C ILE A 370 -22.05 -16.01 1.95
N GLU A 371 -21.86 -16.14 3.27
CA GLU A 371 -21.19 -17.32 3.81
C GLU A 371 -21.99 -18.59 3.58
N ALA A 372 -23.30 -18.47 3.33
CA ALA A 372 -24.10 -19.63 2.95
C ALA A 372 -23.99 -19.96 1.47
N GLY A 373 -23.21 -19.22 0.69
CA GLY A 373 -23.00 -19.51 -0.71
C GLY A 373 -23.79 -18.65 -1.68
N PHE A 374 -24.57 -17.68 -1.20
CA PHE A 374 -25.36 -16.81 -2.04
C PHE A 374 -24.67 -15.46 -2.16
N MET A 375 -24.20 -15.13 -3.36
CA MET A 375 -23.35 -13.96 -3.55
C MET A 375 -23.47 -13.47 -5.00
N THR A 376 -22.99 -12.25 -5.21
CA THR A 376 -22.92 -11.69 -6.55
C THR A 376 -21.64 -12.15 -7.25
N LYS A 377 -21.53 -11.81 -8.53
CA LYS A 377 -20.49 -12.39 -9.38
C LYS A 377 -19.09 -11.98 -8.92
N ASP A 378 -18.92 -10.76 -8.40
CA ASP A 378 -17.61 -10.33 -7.94
C ASP A 378 -17.07 -11.24 -6.85
N LEU A 379 -17.94 -11.66 -5.93
CA LEU A 379 -17.49 -12.54 -4.85
C LEU A 379 -17.28 -13.97 -5.33
N ALA A 380 -18.16 -14.45 -6.21
CA ALA A 380 -17.93 -15.76 -6.82
C ALA A 380 -16.61 -15.79 -7.60
N ALA A 381 -16.23 -14.64 -8.20
CA ALA A 381 -14.96 -14.58 -8.90
C ALA A 381 -13.77 -14.69 -7.95
N CYS A 382 -13.90 -14.13 -6.73
CA CYS A 382 -12.82 -14.24 -5.75
C CYS A 382 -12.59 -15.68 -5.30
N ILE A 383 -13.59 -16.55 -5.42
CA ILE A 383 -13.47 -17.93 -4.98
C ILE A 383 -12.98 -18.82 -6.11
N LYS A 384 -13.67 -18.82 -7.24
CA LYS A 384 -13.40 -19.75 -8.33
C LYS A 384 -12.45 -19.21 -9.39
N GLY A 385 -12.09 -17.93 -9.32
CA GLY A 385 -11.34 -17.33 -10.40
C GLY A 385 -12.26 -16.94 -11.55
N LEU A 386 -12.13 -15.71 -12.02
CA LEU A 386 -13.04 -15.19 -13.04
C LEU A 386 -13.18 -16.07 -14.28
N PRO A 387 -12.11 -16.66 -14.86
CA PRO A 387 -12.32 -17.51 -16.04
C PRO A 387 -13.19 -18.73 -15.80
N ASN A 388 -13.32 -19.19 -14.55
CA ASN A 388 -14.04 -20.41 -14.24
C ASN A 388 -15.38 -20.16 -13.56
N VAL A 389 -15.83 -18.91 -13.50
CA VAL A 389 -17.12 -18.59 -12.89
C VAL A 389 -18.23 -18.93 -13.87
N GLN A 390 -19.21 -19.70 -13.42
CA GLN A 390 -20.40 -20.02 -14.19
C GLN A 390 -21.59 -19.26 -13.63
N ARG A 391 -22.66 -19.18 -14.43
CA ARG A 391 -23.83 -18.42 -14.03
C ARG A 391 -24.47 -18.98 -12.77
N SER A 392 -24.36 -20.30 -12.56
CA SER A 392 -24.91 -20.92 -11.36
C SER A 392 -24.07 -20.67 -10.11
N ASP A 393 -22.96 -19.96 -10.22
CA ASP A 393 -22.13 -19.65 -9.07
C ASP A 393 -22.57 -18.41 -8.31
N TYR A 394 -23.50 -17.62 -8.87
CA TYR A 394 -23.83 -16.33 -8.28
C TYR A 394 -25.26 -15.95 -8.61
N LEU A 395 -25.74 -14.92 -7.95
CA LEU A 395 -27.05 -14.33 -8.20
C LEU A 395 -26.89 -12.98 -8.88
N ASN A 396 -27.88 -12.61 -9.70
CA ASN A 396 -27.86 -11.27 -10.26
C ASN A 396 -28.24 -10.25 -9.18
N THR A 397 -28.20 -8.97 -9.55
CA THR A 397 -28.41 -7.92 -8.55
C THR A 397 -29.77 -8.03 -7.89
N PHE A 398 -30.81 -8.33 -8.67
CA PHE A 398 -32.16 -8.40 -8.11
C PHE A 398 -32.39 -9.70 -7.34
N GLU A 399 -31.80 -10.81 -7.81
CA GLU A 399 -31.93 -12.07 -7.07
C GLU A 399 -31.27 -11.98 -5.71
N PHE A 400 -30.11 -11.31 -5.64
CA PHE A 400 -29.40 -11.22 -4.36
C PHE A 400 -30.16 -10.34 -3.37
N MET A 401 -30.73 -9.23 -3.85
CA MET A 401 -31.51 -8.37 -2.96
C MET A 401 -32.73 -9.10 -2.40
N ASP A 402 -33.36 -9.96 -3.22
CA ASP A 402 -34.50 -10.73 -2.74
C ASP A 402 -34.06 -11.79 -1.74
N LYS A 403 -32.90 -12.40 -1.95
CA LYS A 403 -32.39 -13.38 -1.00
C LYS A 403 -32.09 -12.72 0.34
N LEU A 404 -31.47 -11.53 0.32
CA LEU A 404 -31.26 -10.80 1.56
C LEU A 404 -32.58 -10.42 2.22
N GLY A 405 -33.55 -9.98 1.42
CA GLY A 405 -34.85 -9.61 1.97
C GLY A 405 -35.53 -10.76 2.67
N GLU A 406 -35.51 -11.95 2.04
CA GLU A 406 -36.15 -13.12 2.64
C GLU A 406 -35.43 -13.54 3.93
N ASN A 407 -34.09 -13.54 3.90
CA ASN A 407 -33.32 -13.91 5.08
C ASN A 407 -33.49 -12.91 6.20
N LEU A 408 -33.58 -11.61 5.87
CA LEU A 408 -33.76 -10.60 6.91
C LEU A 408 -35.10 -10.80 7.62
N LYS A 409 -36.16 -11.05 6.85
CA LYS A 409 -37.48 -11.22 7.45
C LYS A 409 -37.53 -12.47 8.33
N ILE A 410 -36.82 -13.53 7.94
CA ILE A 410 -36.76 -14.72 8.77
C ILE A 410 -36.02 -14.43 10.07
N LYS A 411 -34.88 -13.73 9.98
CA LYS A 411 -34.08 -13.45 11.17
C LYS A 411 -34.87 -12.65 12.19
N LEU A 412 -35.47 -11.54 11.76
CA LEU A 412 -36.24 -10.70 12.68
C LEU A 412 -37.41 -11.47 13.28
N ALA A 413 -38.00 -12.41 12.54
CA ALA A 413 -39.06 -13.22 13.09
C ALA A 413 -38.56 -14.09 14.24
N GLN A 414 -37.38 -14.69 14.07
CA GLN A 414 -36.80 -15.54 15.10
C GLN A 414 -36.27 -14.76 16.29
N ALA A 415 -36.21 -13.44 16.21
CA ALA A 415 -35.71 -12.63 17.32
C ALA A 415 -36.80 -12.23 18.31
N LYS A 416 -38.07 -12.35 17.94
CA LYS A 416 -39.15 -12.05 18.85
C LYS A 416 -39.43 -13.24 19.77
N LYS B 6 35.74 -29.69 -15.00
CA LYS B 6 36.23 -28.92 -13.85
C LYS B 6 35.18 -27.86 -13.48
N LYS B 7 35.63 -26.71 -12.97
CA LYS B 7 34.73 -25.68 -12.47
C LYS B 7 34.87 -24.39 -13.27
N ILE B 8 33.78 -23.63 -13.29
CA ILE B 8 33.73 -22.36 -13.99
C ILE B 8 34.56 -21.32 -13.23
N SER B 9 35.25 -20.46 -13.97
CA SER B 9 35.93 -19.29 -13.41
C SER B 9 34.92 -18.14 -13.40
N GLY B 10 34.34 -17.87 -12.23
CA GLY B 10 33.28 -16.89 -12.15
C GLY B 10 33.73 -15.45 -12.04
N GLY B 11 35.01 -15.21 -11.75
CA GLY B 11 35.50 -13.86 -11.65
C GLY B 11 35.35 -13.23 -10.27
N SER B 12 35.21 -11.90 -10.24
CA SER B 12 35.25 -11.12 -9.01
C SER B 12 33.84 -10.86 -8.51
N VAL B 13 33.57 -11.29 -7.28
CA VAL B 13 32.25 -11.14 -6.67
C VAL B 13 32.43 -10.70 -5.22
N VAL B 14 31.73 -9.64 -4.83
CA VAL B 14 31.68 -9.20 -3.45
C VAL B 14 30.57 -9.96 -2.74
N GLU B 15 30.90 -10.60 -1.62
CA GLU B 15 29.95 -11.38 -0.85
C GLU B 15 29.88 -10.83 0.58
N MET B 16 28.66 -10.74 1.11
CA MET B 16 28.41 -10.22 2.44
C MET B 16 27.64 -11.25 3.25
N GLN B 17 28.26 -11.74 4.33
CA GLN B 17 27.61 -12.68 5.22
C GLN B 17 26.72 -11.96 6.21
N GLY B 18 25.66 -12.63 6.64
CA GLY B 18 24.65 -12.01 7.47
C GLY B 18 24.43 -12.70 8.80
N ASP B 19 23.18 -12.70 9.28
CA ASP B 19 22.84 -13.10 10.64
C ASP B 19 21.81 -14.22 10.67
N GLU B 20 21.84 -14.97 11.76
CA GLU B 20 20.74 -15.85 12.22
C GLU B 20 20.45 -16.89 11.15
N MET B 21 19.17 -17.15 10.83
CA MET B 21 18.85 -18.30 9.98
C MET B 21 19.38 -18.11 8.55
N THR B 22 19.33 -16.88 8.03
CA THR B 22 19.82 -16.66 6.67
C THR B 22 21.32 -16.91 6.58
N ARG B 23 22.07 -16.66 7.66
CA ARG B 23 23.50 -16.97 7.66
C ARG B 23 23.74 -18.46 7.48
N ILE B 24 22.90 -19.30 8.09
CA ILE B 24 23.00 -20.75 7.90
C ILE B 24 22.69 -21.11 6.46
N ILE B 25 21.56 -20.62 5.94
CA ILE B 25 21.17 -20.93 4.57
C ILE B 25 22.24 -20.46 3.60
N TRP B 26 22.86 -19.31 3.89
CA TRP B 26 23.89 -18.74 3.01
C TRP B 26 25.07 -19.69 2.85
N GLU B 27 25.53 -20.29 3.95
CA GLU B 27 26.64 -21.24 3.86
C GLU B 27 26.21 -22.52 3.14
N LEU B 28 25.00 -23.00 3.42
CA LEU B 28 24.50 -24.16 2.69
C LEU B 28 24.46 -23.91 1.20
N ILE B 29 24.09 -22.69 0.79
CA ILE B 29 24.05 -22.36 -0.63
C ILE B 29 25.45 -22.37 -1.23
N LYS B 30 26.42 -21.79 -0.52
CA LYS B 30 27.78 -21.78 -1.04
C LYS B 30 28.38 -23.19 -1.06
N GLU B 31 28.14 -23.97 0.00
CA GLU B 31 28.71 -25.31 0.08
C GLU B 31 28.10 -26.25 -0.95
N LYS B 32 26.78 -26.21 -1.12
CA LYS B 32 26.10 -27.23 -1.92
C LYS B 32 25.76 -26.79 -3.34
N LEU B 33 25.64 -25.49 -3.61
CA LEU B 33 25.16 -25.02 -4.89
C LEU B 33 26.15 -24.18 -5.68
N ILE B 34 27.00 -23.40 -5.03
CA ILE B 34 27.89 -22.49 -5.73
C ILE B 34 29.30 -23.06 -5.85
N PHE B 35 29.96 -23.27 -4.71
CA PHE B 35 31.36 -23.69 -4.73
C PHE B 35 31.64 -24.99 -5.48
N PRO B 36 30.78 -26.03 -5.42
CA PRO B 36 31.09 -27.24 -6.19
C PRO B 36 31.18 -27.03 -7.69
N TYR B 37 30.76 -25.88 -8.21
CA TYR B 37 30.73 -25.67 -9.64
C TYR B 37 31.40 -24.38 -10.11
N VAL B 38 31.63 -23.41 -9.23
CA VAL B 38 32.16 -22.10 -9.61
C VAL B 38 33.30 -21.75 -8.68
N GLU B 39 34.44 -21.37 -9.25
CA GLU B 39 35.52 -20.76 -8.51
C GLU B 39 35.43 -19.25 -8.69
N LEU B 40 35.63 -18.51 -7.60
CA LEU B 40 35.42 -17.08 -7.58
C LEU B 40 36.62 -16.37 -6.98
N ASP B 41 36.97 -15.22 -7.54
CA ASP B 41 37.82 -14.27 -6.84
C ASP B 41 36.89 -13.56 -5.86
N LEU B 42 36.78 -14.14 -4.67
CA LEU B 42 35.71 -13.81 -3.73
C LEU B 42 36.20 -12.76 -2.74
N HIS B 43 35.49 -11.64 -2.69
CA HIS B 43 35.74 -10.58 -1.72
C HIS B 43 34.64 -10.70 -0.67
N SER B 44 34.94 -11.43 0.41
CA SER B 44 33.95 -11.76 1.42
C SER B 44 34.03 -10.78 2.59
N TYR B 45 32.88 -10.30 3.02
CA TYR B 45 32.79 -9.38 4.15
C TYR B 45 31.77 -9.95 5.13
N ASP B 46 32.15 -9.97 6.41
CA ASP B 46 31.29 -10.54 7.45
C ASP B 46 30.46 -9.40 8.05
N LEU B 47 29.23 -9.25 7.57
CA LEU B 47 28.30 -8.27 8.11
C LEU B 47 27.46 -8.84 9.24
N GLY B 48 27.88 -9.96 9.84
CA GLY B 48 27.24 -10.43 11.05
C GLY B 48 27.26 -9.36 12.13
N ILE B 49 26.24 -9.39 12.99
CA ILE B 49 26.06 -8.30 13.95
C ILE B 49 27.26 -8.20 14.89
N GLU B 50 27.85 -9.33 15.26
CA GLU B 50 28.97 -9.29 16.20
C GLU B 50 30.21 -8.69 15.54
N ASN B 51 30.43 -8.98 14.26
CA ASN B 51 31.60 -8.41 13.58
C ASN B 51 31.40 -6.94 13.26
N ARG B 52 30.17 -6.53 12.93
CA ARG B 52 29.89 -5.11 12.72
C ARG B 52 30.17 -4.32 13.99
N ASP B 53 29.78 -4.86 15.14
CA ASP B 53 30.04 -4.20 16.42
C ASP B 53 31.53 -4.14 16.72
N ALA B 54 32.25 -5.24 16.48
CA ALA B 54 33.67 -5.28 16.82
C ALA B 54 34.49 -4.32 15.97
N THR B 55 34.10 -4.09 14.72
CA THR B 55 34.82 -3.19 13.83
C THR B 55 34.22 -1.79 13.80
N ASN B 56 33.24 -1.51 14.67
CA ASN B 56 32.54 -0.23 14.68
C ASN B 56 31.94 0.08 13.31
N ASP B 57 31.31 -0.94 12.73
CA ASP B 57 30.60 -0.88 11.45
C ASP B 57 31.53 -0.58 10.27
N GLN B 58 32.85 -0.63 10.47
CA GLN B 58 33.77 -0.37 9.37
C GLN B 58 33.66 -1.42 8.28
N VAL B 59 33.33 -2.67 8.65
CA VAL B 59 33.20 -3.72 7.65
C VAL B 59 32.06 -3.42 6.67
N THR B 60 31.03 -2.71 7.13
CA THR B 60 29.90 -2.38 6.27
C THR B 60 30.31 -1.35 5.21
N LYS B 61 31.07 -0.34 5.61
CA LYS B 61 31.54 0.66 4.64
C LYS B 61 32.54 0.06 3.66
N ASP B 62 33.43 -0.82 4.16
CA ASP B 62 34.40 -1.47 3.28
C ASP B 62 33.70 -2.33 2.23
N ALA B 63 32.63 -3.02 2.62
CA ALA B 63 31.90 -3.86 1.67
C ALA B 63 31.20 -3.00 0.61
N ALA B 64 30.67 -1.84 1.01
CA ALA B 64 30.02 -0.96 0.05
C ALA B 64 31.02 -0.46 -0.99
N GLU B 65 32.21 -0.06 -0.55
CA GLU B 65 33.24 0.38 -1.48
C GLU B 65 33.71 -0.77 -2.36
N ALA B 66 33.72 -2.00 -1.84
CA ALA B 66 34.10 -3.15 -2.66
C ALA B 66 33.10 -3.38 -3.79
N ILE B 67 31.81 -3.15 -3.53
CA ILE B 67 30.80 -3.29 -4.57
C ILE B 67 31.02 -2.24 -5.65
N LYS B 68 31.40 -1.02 -5.27
CA LYS B 68 31.72 0.00 -6.27
C LYS B 68 32.89 -0.45 -7.15
N LYS B 69 33.92 -1.03 -6.53
CA LYS B 69 35.12 -1.40 -7.26
C LYS B 69 34.87 -2.57 -8.21
N HIS B 70 34.15 -3.59 -7.74
CA HIS B 70 34.04 -4.85 -8.47
C HIS B 70 32.68 -5.07 -9.14
N ASN B 71 31.72 -4.18 -8.94
CA ASN B 71 30.47 -4.04 -9.67
C ASN B 71 29.43 -5.11 -9.33
N VAL B 72 29.75 -6.13 -8.54
CA VAL B 72 28.80 -7.21 -8.26
C VAL B 72 28.85 -7.55 -6.78
N GLY B 73 27.71 -7.40 -6.11
CA GLY B 73 27.61 -7.73 -4.70
C GLY B 73 26.40 -8.59 -4.42
N VAL B 74 26.60 -9.61 -3.59
CA VAL B 74 25.52 -10.49 -3.14
C VAL B 74 25.52 -10.46 -1.61
N LYS B 75 24.37 -10.13 -1.03
CA LYS B 75 24.30 -9.85 0.39
C LYS B 75 23.27 -10.75 1.08
N CYS B 76 23.68 -11.35 2.20
CA CYS B 76 22.78 -12.09 3.07
C CYS B 76 22.07 -11.11 4.01
N ALA B 77 20.88 -11.51 4.47
CA ALA B 77 20.11 -10.64 5.36
C ALA B 77 20.86 -10.39 6.66
N THR B 78 20.69 -9.19 7.22
CA THR B 78 21.42 -8.76 8.41
C THR B 78 20.47 -8.20 9.46
N ILE B 79 20.91 -8.26 10.72
CA ILE B 79 20.14 -7.70 11.81
C ILE B 79 20.27 -6.18 11.78
N THR B 80 19.15 -5.48 11.75
CA THR B 80 19.14 -4.04 11.97
C THR B 80 18.86 -3.79 13.43
N PRO B 81 19.80 -3.22 14.19
CA PRO B 81 19.65 -3.18 15.65
C PRO B 81 18.52 -2.27 16.11
N ASP B 82 17.85 -2.70 17.18
CA ASP B 82 16.93 -1.84 17.92
C ASP B 82 17.38 -1.91 19.38
N GLU B 83 16.52 -1.46 20.29
CA GLU B 83 16.92 -1.41 21.70
C GLU B 83 17.17 -2.80 22.26
N LYS B 84 16.28 -3.75 21.96
CA LYS B 84 16.44 -5.11 22.48
C LYS B 84 17.65 -5.80 21.87
N ARG B 85 17.91 -5.54 20.57
CA ARG B 85 19.13 -6.05 19.94
C ARG B 85 20.37 -5.50 20.63
N VAL B 86 20.36 -4.22 20.99
CA VAL B 86 21.48 -3.62 21.69
C VAL B 86 21.73 -4.34 23.01
N GLU B 87 20.66 -4.78 23.67
CA GLU B 87 20.83 -5.53 24.92
C GLU B 87 21.18 -6.99 24.66
N GLU B 88 20.62 -7.59 23.61
CA GLU B 88 20.88 -9.00 23.32
C GLU B 88 22.36 -9.25 23.06
N PHE B 89 22.98 -8.40 22.26
CA PHE B 89 24.38 -8.56 21.91
C PHE B 89 25.29 -7.60 22.66
N LYS B 90 24.74 -6.79 23.57
CA LYS B 90 25.49 -5.76 24.28
C LYS B 90 26.29 -4.89 23.29
N LEU B 91 25.54 -4.29 22.37
CA LEU B 91 26.15 -3.49 21.32
C LEU B 91 26.67 -2.17 21.86
N LYS B 92 27.78 -1.69 21.26
CA LYS B 92 28.31 -0.39 21.63
C LYS B 92 27.31 0.72 21.35
N GLN B 93 26.58 0.62 20.25
CA GLN B 93 25.53 1.59 19.95
C GLN B 93 24.55 0.94 18.97
N MET B 94 23.47 1.67 18.67
CA MET B 94 22.44 1.19 17.77
C MET B 94 22.87 1.48 16.34
N TRP B 95 23.62 0.54 15.75
CA TRP B 95 24.18 0.74 14.43
C TRP B 95 23.07 0.89 13.39
N LYS B 96 23.30 1.77 12.42
CA LYS B 96 22.36 1.95 11.33
C LYS B 96 22.29 0.67 10.48
N SER B 97 21.12 0.43 9.89
CA SER B 97 20.92 -0.72 9.04
C SER B 97 22.02 -0.80 7.98
N PRO B 98 22.68 -1.95 7.82
CA PRO B 98 23.69 -2.06 6.77
C PRO B 98 23.14 -1.81 5.37
N ASN B 99 21.86 -2.13 5.14
CA ASN B 99 21.27 -1.89 3.83
C ASN B 99 21.16 -0.40 3.53
N GLY B 100 20.83 0.41 4.54
CA GLY B 100 20.80 1.85 4.33
C GLY B 100 22.18 2.42 4.08
N THR B 101 23.19 1.92 4.81
CA THR B 101 24.56 2.34 4.55
C THR B 101 24.96 2.02 3.12
N ILE B 102 24.75 0.77 2.69
CA ILE B 102 25.13 0.36 1.34
C ILE B 102 24.36 1.18 0.31
N ARG B 103 23.05 1.35 0.50
CA ARG B 103 22.26 2.11 -0.45
C ARG B 103 22.73 3.56 -0.55
N ASN B 104 23.23 4.13 0.55
CA ASN B 104 23.68 5.51 0.51
C ASN B 104 25.00 5.67 -0.23
N ILE B 105 25.89 4.69 -0.10
CA ILE B 105 27.16 4.77 -0.83
C ILE B 105 26.95 4.50 -2.31
N LEU B 106 26.01 3.62 -2.66
CA LEU B 106 25.81 3.19 -4.04
C LEU B 106 24.76 4.00 -4.79
N GLY B 107 23.63 4.29 -4.15
CA GLY B 107 22.51 4.91 -4.85
C GLY B 107 21.93 3.98 -5.91
N GLY B 108 20.97 4.52 -6.66
CA GLY B 108 20.41 3.81 -7.80
C GLY B 108 18.93 3.51 -7.61
N THR B 109 18.50 2.43 -8.26
CA THR B 109 17.10 2.03 -8.31
C THR B 109 16.96 0.61 -7.76
N VAL B 110 15.95 0.40 -6.92
CA VAL B 110 15.68 -0.89 -6.31
C VAL B 110 14.56 -1.58 -7.09
N PHE B 111 14.85 -2.76 -7.64
CA PHE B 111 13.87 -3.55 -8.37
C PHE B 111 13.53 -4.80 -7.57
N ARG B 112 12.24 -5.05 -7.36
CA ARG B 112 11.78 -6.23 -6.65
C ARG B 112 10.97 -7.13 -7.59
N GLU B 113 11.06 -8.43 -7.33
CA GLU B 113 10.43 -9.43 -8.19
C GLU B 113 10.14 -10.66 -7.37
N ALA B 114 8.90 -11.14 -7.43
CA ALA B 114 8.51 -12.36 -6.75
C ALA B 114 8.66 -13.55 -7.70
N ILE B 115 9.26 -14.63 -7.21
CA ILE B 115 9.43 -15.82 -8.02
C ILE B 115 8.08 -16.54 -8.10
N ILE B 116 7.64 -16.82 -9.33
CA ILE B 116 6.35 -17.44 -9.58
C ILE B 116 6.56 -18.93 -9.83
N CYS B 117 5.81 -19.76 -9.10
CA CYS B 117 5.76 -21.20 -9.33
C CYS B 117 4.33 -21.60 -9.65
N LYS B 118 4.18 -22.51 -10.61
CA LYS B 118 2.85 -22.85 -11.13
C LYS B 118 1.97 -23.50 -10.06
N ASN B 119 2.55 -24.30 -9.18
CA ASN B 119 1.79 -25.02 -8.18
C ASN B 119 1.64 -24.25 -6.87
N ILE B 120 2.15 -23.03 -6.79
CA ILE B 120 2.07 -22.20 -5.58
C ILE B 120 1.05 -21.10 -5.84
N PRO B 121 0.06 -20.93 -4.97
CA PRO B 121 -0.98 -19.93 -5.22
C PRO B 121 -0.39 -18.53 -5.25
N ARG B 122 -0.91 -17.72 -6.16
CA ARG B 122 -0.69 -16.28 -6.14
C ARG B 122 -1.89 -15.59 -5.51
N LEU B 123 -1.71 -14.31 -5.16
CA LEU B 123 -2.82 -13.55 -4.60
C LEU B 123 -4.00 -13.51 -5.57
N VAL B 124 -3.72 -13.33 -6.86
CA VAL B 124 -4.72 -13.42 -7.90
C VAL B 124 -4.33 -14.59 -8.80
N SER B 125 -5.32 -15.43 -9.14
CA SER B 125 -5.06 -16.59 -9.99
C SER B 125 -4.59 -16.19 -11.38
N GLY B 126 -5.02 -15.02 -11.86
CA GLY B 126 -4.64 -14.57 -13.19
C GLY B 126 -3.15 -14.31 -13.35
N TRP B 127 -2.42 -14.16 -12.26
CA TRP B 127 -0.98 -13.92 -12.32
C TRP B 127 -0.27 -15.21 -12.68
N VAL B 128 0.36 -15.26 -13.85
CA VAL B 128 1.07 -16.45 -14.28
C VAL B 128 2.49 -16.10 -14.73
N LYS B 129 2.77 -14.81 -14.85
CA LYS B 129 4.11 -14.33 -15.17
C LYS B 129 4.52 -13.29 -14.15
N PRO B 130 5.80 -13.24 -13.77
CA PRO B 130 6.23 -12.30 -12.72
C PRO B 130 6.32 -10.88 -13.24
N ILE B 131 6.28 -9.94 -12.30
CA ILE B 131 6.49 -8.53 -12.59
C ILE B 131 7.68 -8.05 -11.76
N ILE B 132 8.20 -6.89 -12.15
CA ILE B 132 9.31 -6.24 -11.46
C ILE B 132 8.88 -4.82 -11.13
N ILE B 133 8.86 -4.50 -9.84
CA ILE B 133 8.47 -3.18 -9.35
C ILE B 133 9.72 -2.41 -8.94
N GLY B 134 9.88 -1.21 -9.49
CA GLY B 134 11.06 -0.41 -9.22
C GLY B 134 10.81 0.93 -8.57
N HIS B 135 11.57 1.24 -7.52
CA HIS B 135 11.59 2.55 -6.88
C HIS B 135 12.99 3.12 -6.95
N HIS B 136 13.08 4.46 -7.03
CA HIS B 136 14.38 5.10 -6.88
C HIS B 136 14.75 5.17 -5.40
N ALA B 137 16.04 4.97 -5.12
CA ALA B 137 16.52 4.93 -3.74
C ALA B 137 16.44 6.31 -3.09
N ARG B 143 14.94 13.66 1.58
CA ARG B 143 15.52 14.99 1.72
C ARG B 143 14.44 16.08 1.64
N ALA B 144 13.79 16.33 2.77
CA ALA B 144 12.81 17.39 2.89
C ALA B 144 13.16 18.26 4.09
N THR B 145 12.66 19.49 4.09
CA THR B 145 12.89 20.45 5.15
C THR B 145 11.57 20.71 5.85
N ASP B 146 11.34 20.03 6.97
CA ASP B 146 10.13 20.22 7.76
C ASP B 146 10.46 21.04 9.00
N PHE B 147 9.45 21.76 9.49
CA PHE B 147 9.64 22.64 10.62
C PHE B 147 8.29 22.92 11.26
N VAL B 148 8.32 23.40 12.49
CA VAL B 148 7.11 23.74 13.23
C VAL B 148 6.69 25.16 12.85
N VAL B 149 5.39 25.34 12.60
CA VAL B 149 4.80 26.67 12.46
C VAL B 149 4.29 27.08 13.84
N PRO B 150 5.00 27.96 14.56
CA PRO B 150 4.67 28.19 15.97
C PRO B 150 3.32 28.85 16.18
N GLY B 151 2.81 29.60 15.20
CA GLY B 151 1.54 30.26 15.35
C GLY B 151 1.05 30.89 14.07
N PRO B 152 0.00 31.71 14.17
CA PRO B 152 -0.58 32.33 12.98
C PRO B 152 0.47 33.06 12.15
N GLY B 153 0.30 33.00 10.84
CA GLY B 153 1.26 33.57 9.93
C GLY B 153 1.18 32.90 8.57
N LYS B 154 2.03 33.38 7.67
CA LYS B 154 2.01 32.97 6.28
C LYS B 154 3.20 32.05 5.99
N VAL B 155 2.91 30.88 5.42
CA VAL B 155 3.94 29.98 4.93
C VAL B 155 3.91 30.00 3.41
N GLU B 156 5.00 30.44 2.81
CA GLU B 156 5.13 30.51 1.36
C GLU B 156 6.40 29.79 0.92
N ILE B 157 6.37 29.26 -0.30
CA ILE B 157 7.53 28.64 -0.91
C ILE B 157 7.87 29.43 -2.17
N THR B 158 9.15 29.67 -2.39
CA THR B 158 9.58 30.64 -3.38
C THR B 158 10.72 30.08 -4.22
N TYR B 159 10.69 30.36 -5.52
CA TYR B 159 11.75 30.03 -6.44
C TYR B 159 12.35 31.32 -7.00
N THR B 160 13.66 31.43 -6.94
CA THR B 160 14.39 32.57 -7.50
C THR B 160 15.46 32.02 -8.42
N PRO B 161 15.31 32.13 -9.74
CA PRO B 161 16.36 31.65 -10.65
C PRO B 161 17.65 32.44 -10.43
N SER B 162 18.78 31.76 -10.64
CA SER B 162 20.07 32.36 -10.34
C SER B 162 20.38 33.55 -11.24
N ASP B 163 19.74 33.66 -12.41
CA ASP B 163 19.91 34.84 -13.25
C ASP B 163 19.10 36.05 -12.77
N GLY B 164 18.38 35.91 -11.65
CA GLY B 164 17.69 37.02 -11.02
C GLY B 164 16.55 37.65 -11.80
N THR B 165 16.14 37.05 -12.92
CA THR B 165 15.16 37.69 -13.79
C THR B 165 13.73 37.58 -13.29
N GLN B 166 13.46 36.81 -12.23
CA GLN B 166 12.11 36.72 -11.72
C GLN B 166 12.13 36.14 -10.31
N LYS B 167 10.95 36.14 -9.69
CA LYS B 167 10.75 35.55 -8.38
C LYS B 167 9.30 35.09 -8.28
N VAL B 168 9.09 33.80 -8.02
CA VAL B 168 7.77 33.20 -7.95
C VAL B 168 7.53 32.80 -6.50
N THR B 169 6.44 33.31 -5.92
CA THR B 169 6.05 32.98 -4.56
C THR B 169 4.71 32.27 -4.58
N TYR B 170 4.64 31.10 -3.95
CA TYR B 170 3.41 30.33 -3.85
C TYR B 170 2.99 30.26 -2.40
N LEU B 171 1.73 30.60 -2.12
CA LEU B 171 1.19 30.43 -0.78
C LEU B 171 1.04 28.94 -0.49
N VAL B 172 1.69 28.47 0.57
CA VAL B 172 1.46 27.10 1.02
C VAL B 172 0.19 27.03 1.86
N HIS B 173 0.08 27.93 2.84
CA HIS B 173 -1.09 28.03 3.70
C HIS B 173 -0.96 29.27 4.55
N ASN B 174 -2.08 29.93 4.81
CA ASN B 174 -2.12 31.05 5.74
C ASN B 174 -2.73 30.53 7.03
N PHE B 175 -1.87 30.24 8.00
CA PHE B 175 -2.33 29.83 9.33
C PHE B 175 -3.02 31.02 9.98
N GLU B 176 -4.21 30.80 10.52
CA GLU B 176 -4.99 31.94 10.98
C GLU B 176 -5.47 31.81 12.43
N GLU B 177 -5.86 30.62 12.86
CA GLU B 177 -6.31 30.44 14.24
C GLU B 177 -5.31 29.69 15.11
N GLY B 178 -4.26 29.14 14.54
CA GLY B 178 -3.27 28.47 15.34
C GLY B 178 -2.02 28.18 14.55
N GLY B 179 -1.18 27.31 15.12
CA GLY B 179 0.05 26.88 14.47
C GLY B 179 -0.10 25.54 13.80
N GLY B 180 1.03 24.86 13.63
CA GLY B 180 1.04 23.57 12.98
C GLY B 180 2.41 23.20 12.46
N VAL B 181 2.47 22.50 11.33
CA VAL B 181 3.73 22.10 10.73
C VAL B 181 3.69 22.40 9.24
N ALA B 182 4.87 22.61 8.67
CA ALA B 182 5.03 22.82 7.23
C ALA B 182 6.30 22.12 6.79
N MET B 183 6.43 21.93 5.48
CA MET B 183 7.53 21.14 4.95
C MET B 183 7.71 21.48 3.48
N GLY B 184 8.96 21.58 3.06
CA GLY B 184 9.30 21.69 1.65
C GLY B 184 10.12 20.49 1.21
N MET B 185 9.85 20.01 0.00
CA MET B 185 10.62 18.93 -0.58
C MET B 185 10.81 19.18 -2.07
N TYR B 186 11.85 18.58 -2.62
CA TYR B 186 12.27 18.83 -4.00
C TYR B 186 12.69 17.52 -4.64
N ASN B 187 13.01 17.60 -5.92
CA ASN B 187 13.60 16.48 -6.65
C ASN B 187 14.34 17.03 -7.86
N GLN B 188 15.48 16.45 -8.16
CA GLN B 188 16.32 16.90 -9.27
C GLN B 188 15.99 16.14 -10.55
N ASP B 189 16.15 16.83 -11.68
CA ASP B 189 15.98 16.18 -12.97
C ASP B 189 16.91 14.98 -13.10
N LYS B 190 18.17 15.13 -12.68
CA LYS B 190 19.16 14.07 -12.82
C LYS B 190 18.68 12.76 -12.19
N SER B 191 18.15 12.84 -10.97
CA SER B 191 17.66 11.64 -10.30
C SER B 191 16.44 11.06 -11.00
N ILE B 192 15.60 11.90 -11.59
CA ILE B 192 14.49 11.40 -12.38
C ILE B 192 15.02 10.69 -13.63
N GLU B 193 16.10 11.20 -14.21
CA GLU B 193 16.68 10.59 -15.39
C GLU B 193 17.32 9.24 -15.07
N ASP B 194 18.02 9.15 -13.94
CA ASP B 194 18.56 7.87 -13.50
C ASP B 194 17.46 6.84 -13.33
N PHE B 195 16.34 7.24 -12.72
CA PHE B 195 15.21 6.35 -12.54
C PHE B 195 14.61 5.92 -13.87
N ALA B 196 14.63 6.79 -14.87
CA ALA B 196 14.10 6.44 -16.18
C ALA B 196 15.03 5.50 -16.92
N HIS B 197 16.33 5.82 -16.96
CA HIS B 197 17.27 5.01 -17.72
C HIS B 197 17.38 3.60 -17.17
N SER B 198 17.41 3.45 -15.83
CA SER B 198 17.42 2.12 -15.25
C SER B 198 16.18 1.33 -15.61
N SER B 199 15.01 2.00 -15.62
CA SER B 199 13.77 1.31 -15.92
C SER B 199 13.69 0.88 -17.37
N PHE B 200 14.09 1.77 -18.30
CA PHE B 200 14.07 1.43 -19.71
C PHE B 200 15.02 0.28 -20.02
N GLN B 201 16.21 0.28 -19.40
CA GLN B 201 17.19 -0.76 -19.65
C GLN B 201 16.76 -2.08 -19.02
N MET B 202 16.15 -2.03 -17.83
CA MET B 202 15.66 -3.25 -17.20
C MET B 202 14.56 -3.90 -18.03
N ALA B 203 13.66 -3.08 -18.59
CA ALA B 203 12.62 -3.63 -19.45
C ALA B 203 13.23 -4.30 -20.68
N LEU B 204 14.30 -3.73 -21.23
CA LEU B 204 14.96 -4.33 -22.39
C LEU B 204 15.69 -5.60 -22.01
N SER B 205 16.29 -5.64 -20.82
CA SER B 205 17.04 -6.82 -20.38
C SER B 205 16.14 -8.04 -20.24
N LYS B 206 14.85 -7.84 -19.99
CA LYS B 206 13.92 -8.94 -19.83
C LYS B 206 12.93 -9.04 -20.99
N GLY B 207 12.95 -8.09 -21.93
CA GLY B 207 12.00 -8.10 -23.02
C GLY B 207 10.57 -7.92 -22.59
N TRP B 208 10.34 -7.05 -21.59
CA TRP B 208 9.01 -6.79 -21.07
C TRP B 208 8.63 -5.33 -21.26
N PRO B 209 7.35 -5.03 -21.45
CA PRO B 209 6.93 -3.63 -21.49
C PRO B 209 7.10 -2.97 -20.13
N LEU B 210 7.29 -1.65 -20.17
CA LEU B 210 7.52 -0.85 -18.97
C LEU B 210 6.36 0.11 -18.78
N TYR B 211 5.83 0.17 -17.56
CA TYR B 211 4.79 1.12 -17.19
C TYR B 211 5.32 2.02 -16.08
N LEU B 212 5.12 3.33 -16.23
CA LEU B 212 5.35 4.30 -15.16
C LEU B 212 4.01 4.74 -14.60
N SER B 213 3.93 4.85 -13.28
CA SER B 213 2.70 5.26 -12.61
C SER B 213 2.98 6.44 -11.72
N THR B 214 2.16 7.49 -11.84
CA THR B 214 2.21 8.66 -10.96
C THR B 214 0.79 9.06 -10.61
N LYS B 215 0.69 10.11 -9.80
CA LYS B 215 -0.59 10.74 -9.48
C LYS B 215 -0.59 12.17 -9.98
N ASN B 216 -0.34 12.34 -11.28
CA ASN B 216 -0.25 13.65 -11.91
C ASN B 216 -1.61 14.31 -12.10
N THR B 217 -2.69 13.67 -11.67
CA THR B 217 -3.99 14.33 -11.64
C THR B 217 -4.13 15.29 -10.48
N ILE B 218 -3.29 15.15 -9.44
CA ILE B 218 -3.29 16.02 -8.28
C ILE B 218 -2.03 16.88 -8.24
N LEU B 219 -0.86 16.23 -8.21
CA LEU B 219 0.41 16.94 -8.28
C LEU B 219 0.85 17.04 -9.74
N LYS B 220 0.10 17.86 -10.47
CA LYS B 220 0.23 17.93 -11.93
C LYS B 220 1.59 18.47 -12.36
N LYS B 221 2.27 19.23 -11.52
CA LYS B 221 3.60 19.73 -11.85
C LYS B 221 4.70 18.79 -11.35
N TYR B 222 4.56 18.29 -10.13
CA TYR B 222 5.58 17.42 -9.54
C TYR B 222 5.64 16.08 -10.28
N ASP B 223 4.52 15.35 -10.29
CA ASP B 223 4.49 14.07 -10.99
C ASP B 223 4.47 14.24 -12.49
N GLY B 224 3.89 15.33 -13.00
CA GLY B 224 3.88 15.56 -14.43
C GLY B 224 5.27 15.62 -15.04
N ARG B 225 6.24 16.14 -14.29
CA ARG B 225 7.61 16.18 -14.79
C ARG B 225 8.22 14.79 -14.85
N PHE B 226 7.83 13.88 -13.95
CA PHE B 226 8.23 12.49 -14.07
C PHE B 226 7.78 11.90 -15.41
N LYS B 227 6.47 11.99 -15.68
CA LYS B 227 5.96 11.50 -16.96
C LYS B 227 6.64 12.20 -18.14
N ASP B 228 6.87 13.51 -18.03
CA ASP B 228 7.50 14.24 -19.12
C ASP B 228 8.90 13.72 -19.40
N ILE B 229 9.70 13.55 -18.36
CA ILE B 229 11.09 13.14 -18.53
C ILE B 229 11.17 11.70 -19.05
N PHE B 230 10.24 10.85 -18.61
CA PHE B 230 10.25 9.46 -19.08
C PHE B 230 10.00 9.37 -20.59
N GLN B 231 9.01 10.12 -21.09
CA GLN B 231 8.67 10.01 -22.50
C GLN B 231 9.70 10.69 -23.40
N GLU B 232 10.25 11.82 -22.96
CA GLU B 232 11.33 12.45 -23.70
C GLU B 232 12.50 11.49 -23.86
N ILE B 233 12.93 10.88 -22.76
CA ILE B 233 14.01 9.89 -22.82
C ILE B 233 13.61 8.70 -23.68
N TYR B 234 12.35 8.28 -23.58
CA TYR B 234 11.89 7.15 -24.38
C TYR B 234 11.90 7.48 -25.86
N ASP B 235 11.29 8.61 -26.24
CA ASP B 235 11.14 8.95 -27.66
C ASP B 235 12.49 9.20 -28.33
N LYS B 236 13.47 9.71 -27.59
CA LYS B 236 14.75 10.10 -28.18
C LYS B 236 15.86 9.08 -27.96
N GLN B 237 15.60 7.99 -27.22
CA GLN B 237 16.71 7.09 -26.92
C GLN B 237 16.33 5.61 -26.81
N TYR B 238 15.05 5.28 -26.68
CA TYR B 238 14.68 3.90 -26.42
C TYR B 238 13.54 3.34 -27.27
N LYS B 239 12.78 4.17 -27.98
CA LYS B 239 11.60 3.66 -28.67
C LYS B 239 11.98 2.69 -29.80
N SER B 240 13.12 2.91 -30.45
CA SER B 240 13.53 2.01 -31.53
C SER B 240 13.85 0.62 -31.00
N GLN B 241 14.53 0.54 -29.85
CA GLN B 241 14.86 -0.76 -29.28
C GLN B 241 13.63 -1.45 -28.71
N PHE B 242 12.67 -0.67 -28.19
CA PHE B 242 11.44 -1.26 -27.68
C PHE B 242 10.62 -1.88 -28.79
N GLU B 243 10.53 -1.22 -29.94
CA GLU B 243 9.77 -1.76 -31.05
C GLU B 243 10.47 -2.95 -31.70
N ALA B 244 11.80 -2.96 -31.68
CA ALA B 244 12.54 -4.11 -32.20
C ALA B 244 12.24 -5.36 -31.37
N GLN B 245 12.18 -5.21 -30.05
CA GLN B 245 11.73 -6.29 -29.18
C GLN B 245 10.21 -6.29 -29.01
N LYS B 246 9.51 -5.43 -29.76
CA LYS B 246 8.04 -5.36 -29.76
C LYS B 246 7.48 -5.28 -28.34
N ILE B 247 8.18 -4.55 -27.48
CA ILE B 247 7.64 -4.12 -26.21
C ILE B 247 7.34 -2.64 -26.36
N TRP B 248 6.88 -2.00 -25.28
CA TRP B 248 6.47 -0.61 -25.35
C TRP B 248 6.62 0.01 -23.97
N TYR B 249 6.43 1.33 -23.92
CA TYR B 249 6.36 2.05 -22.67
C TYR B 249 5.13 2.95 -22.67
N GLU B 250 4.44 3.01 -21.53
CA GLU B 250 3.27 3.86 -21.35
C GLU B 250 3.24 4.41 -19.93
N HIS B 251 2.58 5.55 -19.78
CA HIS B 251 2.28 6.11 -18.47
C HIS B 251 0.88 5.70 -18.03
N ARG B 252 0.70 5.59 -16.72
CA ARG B 252 -0.60 5.27 -16.14
C ARG B 252 -0.79 6.09 -14.86
N LEU B 253 -2.01 6.58 -14.67
CA LEU B 253 -2.39 7.07 -13.35
C LEU B 253 -2.40 5.89 -12.37
N ILE B 254 -1.84 6.12 -11.18
CA ILE B 254 -1.64 5.03 -10.23
C ILE B 254 -2.95 4.33 -9.90
N ASP B 255 -4.07 5.07 -9.90
CA ASP B 255 -5.35 4.47 -9.54
C ASP B 255 -5.76 3.38 -10.53
N ASP B 256 -5.54 3.62 -11.83
CA ASP B 256 -5.88 2.64 -12.85
C ASP B 256 -4.76 1.62 -13.09
N MET B 257 -3.52 1.95 -12.74
CA MET B 257 -2.46 0.97 -12.86
C MET B 257 -2.63 -0.15 -11.83
N VAL B 258 -3.03 0.20 -10.61
CA VAL B 258 -3.32 -0.80 -9.59
C VAL B 258 -4.46 -1.71 -10.07
N ALA B 259 -5.51 -1.12 -10.62
CA ALA B 259 -6.63 -1.91 -11.13
C ALA B 259 -6.21 -2.80 -12.30
N GLN B 260 -5.47 -2.23 -13.25
CA GLN B 260 -4.99 -3.01 -14.38
C GLN B 260 -4.05 -4.12 -13.94
N ALA B 261 -3.21 -3.85 -12.92
CA ALA B 261 -2.24 -4.84 -12.48
C ALA B 261 -2.90 -6.06 -11.87
N MET B 262 -4.00 -5.86 -11.12
CA MET B 262 -4.72 -6.99 -10.53
C MET B 262 -5.37 -7.85 -11.62
N LYS B 263 -5.73 -7.25 -12.75
CA LYS B 263 -6.38 -7.94 -13.85
C LYS B 263 -5.39 -8.50 -14.87
N SER B 264 -4.10 -8.29 -14.67
CA SER B 264 -3.11 -8.65 -15.67
C SER B 264 -2.58 -10.06 -15.41
N GLU B 265 -1.80 -10.55 -16.38
CA GLU B 265 -1.12 -11.83 -16.26
C GLU B 265 0.30 -11.70 -15.71
N GLY B 266 0.86 -10.50 -15.76
CA GLY B 266 2.24 -10.28 -15.38
C GLY B 266 3.11 -10.04 -16.61
N GLY B 267 4.41 -10.06 -16.38
CA GLY B 267 5.38 -9.88 -17.45
C GLY B 267 5.59 -8.45 -17.87
N PHE B 268 5.81 -7.56 -16.91
CA PHE B 268 6.08 -6.16 -17.21
C PHE B 268 6.87 -5.54 -16.06
N ILE B 269 7.56 -4.45 -16.36
CA ILE B 269 8.27 -3.66 -15.36
C ILE B 269 7.39 -2.49 -14.96
N TRP B 270 7.25 -2.27 -13.66
CA TRP B 270 6.36 -1.26 -13.10
C TRP B 270 7.22 -0.24 -12.35
N ALA B 271 7.49 0.89 -13.00
CA ALA B 271 8.19 1.99 -12.35
C ALA B 271 7.21 2.76 -11.49
N CYS B 272 7.42 2.74 -10.17
CA CYS B 272 6.47 3.30 -9.22
C CYS B 272 7.04 4.59 -8.63
N LYS B 273 6.23 5.65 -8.67
CA LYS B 273 6.67 6.94 -8.12
C LYS B 273 6.60 6.96 -6.60
N ASN B 274 5.56 6.35 -6.03
CA ASN B 274 5.36 6.30 -4.58
C ASN B 274 6.60 5.84 -3.82
N SER B 290 4.59 -15.87 0.29
CA SER B 290 5.78 -16.14 1.10
C SER B 290 6.91 -15.15 0.80
N LEU B 291 7.50 -14.60 1.86
CA LEU B 291 8.64 -13.71 1.71
C LEU B 291 9.88 -14.41 1.18
N GLY B 292 9.97 -15.74 1.36
CA GLY B 292 11.06 -16.51 0.83
C GLY B 292 11.09 -16.63 -0.69
N MET B 293 10.16 -15.97 -1.39
CA MET B 293 10.09 -15.99 -2.84
C MET B 293 10.25 -14.60 -3.44
N MET B 294 10.87 -13.68 -2.71
CA MET B 294 10.93 -12.28 -3.13
C MET B 294 12.38 -11.83 -3.18
N THR B 295 12.79 -11.27 -4.32
CA THR B 295 14.15 -10.79 -4.53
C THR B 295 14.18 -9.28 -4.63
N SER B 296 15.37 -8.73 -4.44
CA SER B 296 15.61 -7.30 -4.55
C SER B 296 16.98 -7.08 -5.20
N VAL B 297 17.04 -6.16 -6.14
CA VAL B 297 18.25 -5.85 -6.86
C VAL B 297 18.41 -4.34 -6.93
N LEU B 298 19.56 -3.84 -6.47
CA LEU B 298 19.89 -2.44 -6.59
C LEU B 298 20.73 -2.24 -7.86
N VAL B 299 20.22 -1.45 -8.78
CA VAL B 299 20.91 -1.11 -10.02
C VAL B 299 21.39 0.33 -9.90
N CYS B 300 22.69 0.52 -9.95
CA CYS B 300 23.28 1.84 -9.75
C CYS B 300 23.16 2.68 -11.02
N PRO B 301 23.29 4.00 -10.89
CA PRO B 301 23.20 4.86 -12.08
C PRO B 301 24.18 4.52 -13.19
N ASP B 302 25.38 4.04 -12.85
CA ASP B 302 26.37 3.73 -13.88
C ASP B 302 25.96 2.57 -14.79
N GLY B 303 24.83 1.92 -14.52
CA GLY B 303 24.36 0.83 -15.35
C GLY B 303 25.21 -0.42 -15.29
N LYS B 304 26.24 -0.41 -14.45
CA LYS B 304 27.21 -1.50 -14.38
C LYS B 304 27.33 -2.15 -13.01
N THR B 305 27.05 -1.42 -11.93
CA THR B 305 27.17 -1.95 -10.57
C THR B 305 25.80 -2.44 -10.10
N VAL B 306 25.79 -3.63 -9.50
CA VAL B 306 24.56 -4.28 -9.07
C VAL B 306 24.79 -4.95 -7.72
N GLU B 307 23.78 -4.92 -6.86
CA GLU B 307 23.77 -5.65 -5.61
C GLU B 307 22.43 -6.36 -5.45
N ALA B 308 22.48 -7.65 -5.14
CA ALA B 308 21.29 -8.48 -5.05
C ALA B 308 21.16 -9.11 -3.67
N GLU B 309 19.91 -9.27 -3.23
CA GLU B 309 19.66 -9.85 -1.92
C GLU B 309 18.22 -10.34 -1.87
N ALA B 310 17.95 -11.19 -0.87
CA ALA B 310 16.59 -11.60 -0.59
C ALA B 310 15.81 -10.43 0.01
N ALA B 311 14.52 -10.35 -0.32
CA ALA B 311 13.69 -9.25 0.15
C ALA B 311 13.15 -9.47 1.56
N HIS B 312 13.54 -10.56 2.22
CA HIS B 312 13.10 -10.85 3.58
C HIS B 312 14.24 -10.62 4.55
N GLY B 313 13.96 -10.86 5.84
CA GLY B 313 14.93 -10.67 6.90
C GLY B 313 15.68 -11.93 7.25
N THR B 314 16.21 -11.96 8.47
CA THR B 314 17.05 -13.04 8.94
C THR B 314 16.26 -14.24 9.47
N VAL B 315 14.93 -14.17 9.44
CA VAL B 315 14.04 -15.24 9.88
C VAL B 315 14.41 -15.64 11.30
N THR B 316 14.31 -14.68 12.23
CA THR B 316 14.80 -14.87 13.59
C THR B 316 14.13 -16.06 14.27
N ARG B 317 12.83 -16.23 14.07
CA ARG B 317 12.10 -17.26 14.81
C ARG B 317 12.50 -18.65 14.36
N HIS B 318 12.82 -18.85 13.07
CA HIS B 318 13.38 -20.13 12.66
C HIS B 318 14.75 -20.36 13.30
N TYR B 319 15.54 -19.29 13.42
CA TYR B 319 16.83 -19.41 14.08
C TYR B 319 16.68 -19.83 15.54
N ARG B 320 15.64 -19.32 16.22
CA ARG B 320 15.40 -19.71 17.60
C ARG B 320 15.05 -21.19 17.69
N MET B 321 14.26 -21.69 16.73
CA MET B 321 13.97 -23.12 16.69
C MET B 321 15.24 -23.93 16.48
N TYR B 322 16.11 -23.47 15.58
CA TYR B 322 17.40 -24.13 15.36
C TYR B 322 18.25 -24.11 16.63
N GLN B 323 18.22 -23.01 17.38
CA GLN B 323 19.01 -22.90 18.59
C GLN B 323 18.58 -23.92 19.64
N LYS B 324 17.28 -24.20 19.72
CA LYS B 324 16.75 -25.14 20.70
C LYS B 324 16.65 -26.55 20.16
N GLY B 325 17.25 -26.83 19.00
CA GLY B 325 17.32 -28.18 18.48
C GLY B 325 16.11 -28.66 17.72
N GLN B 326 15.14 -27.78 17.44
CA GLN B 326 13.96 -28.18 16.69
C GLN B 326 14.26 -28.16 15.20
N GLU B 327 13.52 -28.99 14.47
CA GLU B 327 13.64 -29.02 13.02
C GLU B 327 13.11 -27.72 12.43
N THR B 328 13.82 -27.20 11.42
CA THR B 328 13.39 -25.99 10.72
C THR B 328 13.10 -26.31 9.27
N SER B 329 12.27 -25.48 8.65
CA SER B 329 11.95 -25.58 7.23
C SER B 329 11.93 -24.16 6.67
N THR B 330 13.09 -23.66 6.28
CA THR B 330 13.27 -22.28 5.87
C THR B 330 13.48 -22.22 4.36
N ASN B 331 12.76 -21.34 3.71
CA ASN B 331 12.80 -21.23 2.26
C ASN B 331 14.08 -20.54 1.81
N PRO B 332 14.93 -21.19 1.01
CA PRO B 332 16.17 -20.55 0.53
C PRO B 332 16.07 -19.91 -0.85
N ILE B 333 14.89 -19.88 -1.47
CA ILE B 333 14.78 -19.50 -2.88
C ILE B 333 15.24 -18.05 -3.08
N ALA B 334 14.74 -17.14 -2.24
CA ALA B 334 15.09 -15.74 -2.41
C ALA B 334 16.58 -15.51 -2.23
N SER B 335 17.22 -16.26 -1.32
CA SER B 335 18.67 -16.13 -1.16
C SER B 335 19.41 -16.73 -2.34
N ILE B 336 18.92 -17.85 -2.87
CA ILE B 336 19.55 -18.46 -4.04
C ILE B 336 19.50 -17.50 -5.23
N PHE B 337 18.33 -16.91 -5.48
CA PHE B 337 18.19 -15.99 -6.61
C PHE B 337 19.04 -14.74 -6.43
N ALA B 338 19.37 -14.37 -5.19
CA ALA B 338 20.34 -13.30 -4.99
C ALA B 338 21.68 -13.67 -5.60
N TRP B 339 22.10 -14.93 -5.44
CA TRP B 339 23.35 -15.39 -6.05
C TRP B 339 23.24 -15.44 -7.57
N THR B 340 22.15 -16.00 -8.09
CA THR B 340 22.02 -16.17 -9.53
C THR B 340 21.95 -14.83 -10.26
N ARG B 341 21.19 -13.87 -9.72
CA ARG B 341 21.17 -12.54 -10.31
C ARG B 341 22.54 -11.91 -10.30
N GLY B 342 23.25 -12.02 -9.17
CA GLY B 342 24.61 -11.50 -9.11
C GLY B 342 25.55 -12.20 -10.07
N LEU B 343 25.44 -13.53 -10.15
CA LEU B 343 26.29 -14.27 -11.08
C LEU B 343 25.92 -13.99 -12.53
N ALA B 344 24.62 -13.82 -12.80
CA ALA B 344 24.19 -13.49 -14.16
C ALA B 344 24.74 -12.14 -14.60
N HIS B 345 24.66 -11.14 -13.72
CA HIS B 345 25.22 -9.83 -14.06
C HIS B 345 26.73 -9.90 -14.17
N ARG B 346 27.38 -10.68 -13.30
CA ARG B 346 28.82 -10.89 -13.41
C ARG B 346 29.18 -11.48 -14.76
N ALA B 347 28.43 -12.48 -15.20
CA ALA B 347 28.67 -13.11 -16.50
C ALA B 347 28.40 -12.15 -17.65
N LYS B 348 27.45 -11.22 -17.47
CA LYS B 348 27.15 -10.26 -18.53
C LYS B 348 28.29 -9.26 -18.69
N LEU B 349 28.91 -8.86 -17.59
CA LEU B 349 30.01 -7.90 -17.68
C LEU B 349 31.27 -8.52 -18.26
N ASP B 350 31.47 -9.82 -18.05
CA ASP B 350 32.67 -10.50 -18.51
C ASP B 350 32.47 -11.24 -19.82
N ASN B 351 31.26 -11.21 -20.40
CA ASN B 351 30.92 -12.05 -21.54
C ASN B 351 31.28 -13.50 -21.25
N ASN B 352 30.79 -14.01 -20.13
CA ASN B 352 31.13 -15.32 -19.60
C ASN B 352 29.94 -16.25 -19.85
N LYS B 353 29.99 -16.99 -20.96
CA LYS B 353 28.85 -17.79 -21.36
C LYS B 353 28.64 -18.99 -20.45
N GLU B 354 29.72 -19.53 -19.85
CA GLU B 354 29.56 -20.66 -18.93
C GLU B 354 28.91 -20.22 -17.62
N LEU B 355 29.35 -19.09 -17.07
CA LEU B 355 28.75 -18.60 -15.83
C LEU B 355 27.30 -18.20 -16.03
N ALA B 356 26.99 -17.56 -17.17
CA ALA B 356 25.61 -17.21 -17.46
C ALA B 356 24.73 -18.45 -17.59
N PHE B 357 25.29 -19.54 -18.11
CA PHE B 357 24.53 -20.78 -18.22
C PHE B 357 24.28 -21.39 -16.85
N PHE B 358 25.27 -21.35 -15.96
CA PHE B 358 25.10 -21.89 -14.62
C PHE B 358 24.03 -21.11 -13.86
N ALA B 359 24.13 -19.78 -13.87
CA ALA B 359 23.16 -18.95 -13.15
C ALA B 359 21.73 -19.28 -13.55
N ASN B 360 21.49 -19.35 -14.87
CA ASN B 360 20.14 -19.67 -15.33
C ASN B 360 19.75 -21.11 -15.02
N ALA B 361 20.72 -22.03 -15.06
CA ALA B 361 20.41 -23.42 -14.71
C ALA B 361 19.95 -23.53 -13.26
N LEU B 362 20.62 -22.82 -12.35
CA LEU B 362 20.27 -22.90 -10.94
C LEU B 362 18.88 -22.33 -10.68
N GLU B 363 18.51 -21.26 -11.37
CA GLU B 363 17.15 -20.74 -11.24
C GLU B 363 16.12 -21.75 -11.73
N GLU B 364 16.41 -22.43 -12.84
CA GLU B 364 15.49 -23.43 -13.37
C GLU B 364 15.33 -24.59 -12.40
N VAL B 365 16.44 -25.08 -11.85
CA VAL B 365 16.38 -26.18 -10.89
C VAL B 365 15.53 -25.81 -9.69
N SER B 366 15.68 -24.57 -9.21
CA SER B 366 14.93 -24.14 -8.02
C SER B 366 13.44 -24.15 -8.28
N ILE B 367 13.02 -23.64 -9.44
CA ILE B 367 11.60 -23.60 -9.77
C ILE B 367 11.07 -24.99 -10.08
N GLU B 368 11.83 -25.77 -10.86
CA GLU B 368 11.39 -27.12 -11.23
C GLU B 368 11.23 -28.00 -10.00
N THR B 369 12.16 -27.89 -9.04
CA THR B 369 12.07 -28.70 -7.83
C THR B 369 10.77 -28.44 -7.08
N ILE B 370 10.42 -27.16 -6.92
CA ILE B 370 9.17 -26.81 -6.25
C ILE B 370 7.98 -27.31 -7.07
N GLU B 371 7.99 -27.05 -8.38
CA GLU B 371 6.87 -27.47 -9.22
C GLU B 371 6.73 -28.98 -9.29
N ALA B 372 7.80 -29.73 -9.01
CA ALA B 372 7.73 -31.18 -8.90
C ALA B 372 7.15 -31.63 -7.57
N GLY B 373 6.79 -30.71 -6.67
CA GLY B 373 6.21 -31.05 -5.39
C GLY B 373 7.15 -31.12 -4.22
N PHE B 374 8.40 -30.65 -4.38
CA PHE B 374 9.36 -30.62 -3.28
C PHE B 374 9.54 -29.18 -2.83
N MET B 375 9.19 -28.90 -1.57
CA MET B 375 9.15 -27.54 -1.10
C MET B 375 9.30 -27.52 0.41
N THR B 376 9.63 -26.35 0.95
CA THR B 376 9.65 -26.15 2.39
C THR B 376 8.25 -25.84 2.90
N LYS B 377 8.12 -25.83 4.23
CA LYS B 377 6.79 -25.79 4.85
C LYS B 377 6.01 -24.53 4.50
N ASP B 378 6.70 -23.40 4.32
CA ASP B 378 5.99 -22.16 4.02
C ASP B 378 5.22 -22.26 2.71
N LEU B 379 5.81 -22.90 1.70
CA LEU B 379 5.11 -23.04 0.42
C LEU B 379 3.98 -24.05 0.50
N ALA B 380 4.18 -25.14 1.25
CA ALA B 380 3.11 -26.12 1.44
C ALA B 380 1.92 -25.49 2.15
N ALA B 381 2.19 -24.59 3.10
CA ALA B 381 1.09 -23.92 3.81
C ALA B 381 0.34 -22.98 2.87
N CYS B 382 1.04 -22.32 1.95
CA CYS B 382 0.37 -21.50 0.95
C CYS B 382 -0.66 -22.31 0.18
N ILE B 383 -0.30 -23.52 -0.23
CA ILE B 383 -1.21 -24.37 -1.00
C ILE B 383 -2.38 -24.83 -0.13
N LYS B 384 -2.07 -25.50 0.99
CA LYS B 384 -3.06 -26.25 1.73
C LYS B 384 -3.59 -25.53 2.96
N GLY B 385 -3.02 -24.40 3.34
CA GLY B 385 -3.38 -23.77 4.61
C GLY B 385 -2.64 -24.43 5.76
N LEU B 386 -2.14 -23.62 6.69
CA LEU B 386 -1.30 -24.16 7.76
C LEU B 386 -1.99 -25.23 8.60
N PRO B 387 -3.26 -25.10 9.00
CA PRO B 387 -3.88 -26.16 9.82
C PRO B 387 -3.92 -27.52 9.15
N ASN B 388 -3.80 -27.59 7.82
CA ASN B 388 -3.89 -28.85 7.10
C ASN B 388 -2.54 -29.36 6.60
N VAL B 389 -1.45 -28.77 7.05
CA VAL B 389 -0.13 -29.20 6.61
C VAL B 389 0.32 -30.39 7.45
N GLN B 390 0.88 -31.39 6.78
CA GLN B 390 1.47 -32.54 7.45
C GLN B 390 2.94 -32.62 7.07
N ARG B 391 3.70 -33.35 7.90
CA ARG B 391 5.14 -33.43 7.71
C ARG B 391 5.50 -33.95 6.32
N SER B 392 4.70 -34.85 5.75
CA SER B 392 4.99 -35.40 4.44
C SER B 392 4.70 -34.43 3.31
N ASP B 393 4.17 -33.25 3.60
CA ASP B 393 3.88 -32.27 2.56
C ASP B 393 5.06 -31.36 2.25
N TYR B 394 6.16 -31.45 2.99
CA TYR B 394 7.28 -30.55 2.76
C TYR B 394 8.59 -31.22 3.19
N LEU B 395 9.69 -30.56 2.85
CA LEU B 395 11.03 -30.96 3.26
C LEU B 395 11.58 -29.93 4.26
N ASN B 396 12.42 -30.40 5.17
CA ASN B 396 13.06 -29.47 6.10
C ASN B 396 14.18 -28.72 5.38
N THR B 397 14.82 -27.81 6.11
CA THR B 397 15.80 -26.91 5.50
C THR B 397 16.91 -27.68 4.81
N PHE B 398 17.43 -28.72 5.46
CA PHE B 398 18.55 -29.48 4.90
C PHE B 398 18.08 -30.43 3.80
N GLU B 399 16.88 -31.01 3.97
CA GLU B 399 16.36 -31.89 2.93
C GLU B 399 16.12 -31.14 1.63
N PHE B 400 15.55 -29.94 1.71
CA PHE B 400 15.30 -29.16 0.50
C PHE B 400 16.60 -28.77 -0.19
N MET B 401 17.58 -28.29 0.59
CA MET B 401 18.87 -27.94 0.00
C MET B 401 19.52 -29.16 -0.64
N ASP B 402 19.38 -30.33 -0.03
CA ASP B 402 19.91 -31.55 -0.64
C ASP B 402 19.18 -31.88 -1.93
N LYS B 403 17.85 -31.69 -1.95
CA LYS B 403 17.08 -31.98 -3.16
C LYS B 403 17.50 -31.07 -4.31
N LEU B 404 17.69 -29.78 -4.04
CA LEU B 404 18.21 -28.87 -5.05
C LEU B 404 19.60 -29.31 -5.50
N GLY B 405 20.42 -29.78 -4.55
CA GLY B 405 21.75 -30.25 -4.90
C GLY B 405 21.72 -31.39 -5.90
N GLU B 406 20.92 -32.43 -5.62
CA GLU B 406 20.78 -33.55 -6.54
C GLU B 406 20.35 -33.07 -7.92
N ASN B 407 19.27 -32.29 -7.98
CA ASN B 407 18.73 -31.86 -9.27
C ASN B 407 19.69 -30.94 -10.01
N LEU B 408 20.46 -30.12 -9.28
CA LEU B 408 21.46 -29.29 -9.95
C LEU B 408 22.56 -30.14 -10.55
N LYS B 409 23.02 -31.16 -9.83
CA LYS B 409 24.04 -32.07 -10.35
C LYS B 409 23.52 -32.78 -11.60
N ILE B 410 22.31 -33.33 -11.51
CA ILE B 410 21.68 -33.98 -12.66
C ILE B 410 21.56 -33.00 -13.82
N LYS B 411 20.99 -31.82 -13.56
CA LYS B 411 20.73 -30.85 -14.62
C LYS B 411 22.00 -30.48 -15.37
N LEU B 412 23.07 -30.17 -14.65
CA LEU B 412 24.31 -29.76 -15.30
C LEU B 412 24.94 -30.91 -16.07
N ALA B 413 24.89 -32.13 -15.50
CA ALA B 413 25.50 -33.28 -16.17
C ALA B 413 24.86 -33.52 -17.54
N GLN B 414 23.55 -33.36 -17.63
CA GLN B 414 22.84 -33.57 -18.90
C GLN B 414 23.03 -32.38 -19.83
N ALA B 415 24.26 -31.92 -19.97
CA ALA B 415 24.59 -30.82 -20.87
C ALA B 415 26.08 -30.87 -21.23
#